data_6KCV
#
_entry.id   6KCV
#
_cell.length_a   105.580
_cell.length_b   187.526
_cell.length_c   91.691
_cell.angle_alpha   90.000
_cell.angle_beta   90.000
_cell.angle_gamma   90.000
#
_symmetry.space_group_name_H-M   'C 2 2 21'
#
loop_
_entity.id
_entity.type
_entity.pdbx_description
1 polymer 'Alginate lyase'
2 branched 'beta-D-mannopyranuronic acid-(1-4)-beta-D-mannopyranuronic acid-(1-4)-beta-D-mannopyranuronic acid-(1-4)-beta-D-mannopyranuronic acid'
3 non-polymer 'CALCIUM ION'
4 water water
#
_entity_poly.entity_id   1
_entity_poly.type   'polypeptide(L)'
_entity_poly.pdbx_seq_one_letter_code
;AIPSSLSINWNNYATGAYSSGNAASDFGNAGGWNQSRSYISDGTLRVTLLKNALSGAGGLISNIDVSDGTEYELDYDVRF
HSQFDWSRGGAVGFGFSIGEGNTGGDPGWDGNGGTLRMMWYQTDAGRVFFQPAIYHKDQPGQYGDTFGKSYPSSGSITKG
TTYHVHVYIKSNTGSNRDGRAQIIINGTTVLDTAIRWTTNDAQRLIKNMTFHTFRGGSQTYWQSPVDSYIYYDNLVLRKI
RLEH
;
_entity_poly.pdbx_strand_id   B,A,C
#
# COMPACT_ATOMS: atom_id res chain seq x y z
N ALA A 1 -37.00 -2.46 -5.56
CA ALA A 1 -35.88 -2.66 -6.48
C ALA A 1 -34.73 -3.36 -5.77
N ILE A 2 -34.29 -4.47 -6.35
CA ILE A 2 -33.00 -5.07 -6.06
C ILE A 2 -32.08 -4.58 -7.16
N PRO A 3 -31.34 -3.50 -6.93
CA PRO A 3 -30.55 -2.90 -8.02
C PRO A 3 -29.27 -3.68 -8.27
N SER A 4 -28.74 -3.49 -9.48
CA SER A 4 -27.39 -3.91 -9.82
C SER A 4 -26.44 -2.72 -9.95
N SER A 5 -26.97 -1.51 -9.97
CA SER A 5 -26.13 -0.33 -9.97
C SER A 5 -26.91 0.80 -9.32
N LEU A 6 -26.17 1.79 -8.83
CA LEU A 6 -26.77 2.93 -8.14
C LEU A 6 -25.85 4.13 -8.32
N SER A 7 -26.44 5.31 -8.38
CA SER A 7 -25.67 6.54 -8.33
C SER A 7 -26.50 7.52 -7.50
N ILE A 8 -26.04 7.82 -6.30
CA ILE A 8 -26.79 8.62 -5.33
C ILE A 8 -25.92 9.79 -4.92
N ASN A 9 -26.45 11.01 -5.07
CA ASN A 9 -25.70 12.18 -4.60
C ASN A 9 -26.45 13.03 -3.58
N TRP A 10 -27.68 12.66 -3.20
CA TRP A 10 -28.48 13.37 -2.21
C TRP A 10 -28.69 14.84 -2.55
N ASN A 11 -28.53 15.23 -3.81
CA ASN A 11 -28.56 16.65 -4.16
C ASN A 11 -29.96 17.22 -4.26
N ASN A 12 -30.97 16.37 -4.37
CA ASN A 12 -32.34 16.78 -4.59
C ASN A 12 -33.07 17.06 -3.29
N TYR A 13 -32.43 16.88 -2.15
CA TYR A 13 -33.07 17.00 -0.86
C TYR A 13 -32.82 18.37 -0.24
N ALA A 14 -33.87 18.93 0.35
CA ALA A 14 -33.68 20.03 1.27
C ALA A 14 -32.87 19.55 2.46
N THR A 15 -32.10 20.48 3.05
CA THR A 15 -31.44 20.17 4.31
C THR A 15 -32.51 19.83 5.35
N GLY A 16 -32.33 18.72 6.04
CA GLY A 16 -33.30 18.28 7.00
C GLY A 16 -33.34 16.75 7.08
N ALA A 17 -34.47 16.26 7.59
CA ALA A 17 -34.61 14.85 7.92
C ALA A 17 -34.46 13.96 6.69
N TYR A 18 -34.11 12.70 6.94
CA TYR A 18 -33.97 11.70 5.89
C TYR A 18 -34.55 10.41 6.45
N SER A 19 -35.71 10.02 5.93
CA SER A 19 -36.45 8.89 6.43
C SER A 19 -35.95 7.59 5.81
N SER A 20 -36.40 6.47 6.37
CA SER A 20 -36.09 5.18 5.73
C SER A 20 -36.85 5.05 4.41
N GLY A 21 -37.99 5.73 4.27
CA GLY A 21 -38.64 5.80 2.98
C GLY A 21 -37.77 6.50 1.95
N ASN A 22 -37.16 7.62 2.33
CA ASN A 22 -36.14 8.27 1.50
C ASN A 22 -35.01 7.30 1.16
N ALA A 23 -34.50 6.59 2.17
CA ALA A 23 -33.41 5.65 1.92
C ALA A 23 -33.84 4.57 0.93
N ALA A 24 -35.06 4.06 1.09
CA ALA A 24 -35.57 3.05 0.16
C ALA A 24 -35.67 3.59 -1.26
N SER A 25 -36.04 4.86 -1.41
CA SER A 25 -36.20 5.35 -2.78
C SER A 25 -34.83 5.56 -3.43
N ASP A 26 -33.84 6.03 -2.69
CA ASP A 26 -32.50 6.20 -3.25
C ASP A 26 -31.80 4.86 -3.47
N PHE A 27 -31.89 3.94 -2.51
CA PHE A 27 -31.15 2.68 -2.60
C PHE A 27 -31.94 1.57 -3.24
N GLY A 28 -33.22 1.78 -3.55
CA GLY A 28 -34.08 0.70 -3.98
C GLY A 28 -34.67 0.00 -2.77
N ASN A 29 -33.80 -0.47 -1.89
CA ASN A 29 -34.17 -1.01 -0.58
C ASN A 29 -33.04 -0.68 0.38
N ALA A 30 -33.37 -0.56 1.66
CA ALA A 30 -32.32 -0.38 2.67
C ALA A 30 -32.90 -0.86 4.01
N GLY A 31 -32.48 -2.06 4.44
CA GLY A 31 -33.05 -2.64 5.63
C GLY A 31 -32.37 -2.13 6.89
N GLY A 32 -33.08 -2.26 8.01
CA GLY A 32 -32.52 -1.86 9.30
C GLY A 32 -32.21 -0.40 9.45
N TRP A 33 -32.87 0.48 8.69
CA TRP A 33 -32.57 1.91 8.74
C TRP A 33 -33.01 2.51 10.08
N ASN A 34 -32.28 3.52 10.54
CA ASN A 34 -32.64 4.25 11.75
C ASN A 34 -32.65 5.73 11.40
N GLN A 35 -33.83 6.26 11.04
CA GLN A 35 -33.92 7.60 10.46
C GLN A 35 -33.68 8.71 11.48
N SER A 36 -33.84 8.44 12.78
CA SER A 36 -33.46 9.49 13.73
C SER A 36 -31.96 9.76 13.71
N ARG A 37 -31.17 8.95 13.01
CA ARG A 37 -29.73 9.19 12.91
C ARG A 37 -29.27 9.54 11.51
N SER A 38 -30.18 9.68 10.54
CA SER A 38 -29.81 10.10 9.20
C SER A 38 -30.38 11.49 8.90
N TYR A 39 -29.59 12.30 8.20
CA TYR A 39 -29.93 13.70 8.00
C TYR A 39 -29.22 14.20 6.75
N ILE A 40 -29.93 14.99 5.95
CA ILE A 40 -29.31 15.62 4.78
C ILE A 40 -28.72 16.95 5.24
N SER A 41 -27.43 17.11 5.03
CA SER A 41 -26.73 18.32 5.41
C SER A 41 -26.05 18.85 4.14
N ASP A 42 -26.69 19.82 3.47
CA ASP A 42 -26.08 20.51 2.32
C ASP A 42 -25.68 19.52 1.22
N GLY A 43 -26.67 18.79 0.71
CA GLY A 43 -26.45 17.83 -0.36
C GLY A 43 -25.62 16.63 0.04
N THR A 44 -25.58 16.34 1.34
CA THR A 44 -24.73 15.32 1.93
C THR A 44 -25.57 14.51 2.90
N LEU A 45 -25.30 13.19 2.97
CA LEU A 45 -25.97 12.34 3.95
C LEU A 45 -25.14 12.28 5.23
N ARG A 46 -25.70 12.82 6.32
CA ARG A 46 -25.04 12.85 7.62
C ARG A 46 -25.61 11.74 8.51
N VAL A 47 -24.71 10.96 9.10
CA VAL A 47 -25.07 9.88 10.01
C VAL A 47 -24.60 10.25 11.41
N THR A 48 -25.49 10.09 12.38
CA THR A 48 -25.20 10.41 13.76
C THR A 48 -24.73 9.15 14.51
N LEU A 49 -23.62 9.29 15.24
CA LEU A 49 -23.20 8.28 16.21
C LEU A 49 -23.57 8.80 17.60
N LEU A 50 -24.50 8.12 18.26
CA LEU A 50 -24.98 8.59 19.55
C LEU A 50 -23.90 8.49 20.62
N LYS A 51 -23.91 9.46 21.54
CA LYS A 51 -23.03 9.43 22.70
C LYS A 51 -23.34 8.22 23.60
N ASN A 52 -22.31 7.76 24.30
CA ASN A 52 -22.41 6.67 25.27
C ASN A 52 -23.07 5.43 24.68
N ALA A 53 -22.73 5.10 23.43
CA ALA A 53 -23.37 3.94 22.82
C ALA A 53 -22.46 3.40 21.71
N LEU A 54 -22.66 2.13 21.41
CA LEU A 54 -21.90 1.41 20.38
C LEU A 54 -22.84 0.65 19.45
N SER A 55 -22.29 0.22 18.32
CA SER A 55 -22.92 -0.73 17.39
C SER A 55 -24.27 -0.16 16.95
N GLY A 56 -25.27 -1.04 16.77
CA GLY A 56 -26.58 -0.60 16.32
C GLY A 56 -27.28 0.28 17.33
N ALA A 57 -26.96 0.12 18.63
CA ALA A 57 -27.58 0.96 19.66
C ALA A 57 -27.29 2.44 19.42
N GLY A 58 -26.14 2.78 18.85
CA GLY A 58 -25.85 4.19 18.64
C GLY A 58 -25.66 4.64 17.19
N GLY A 59 -25.53 3.70 16.25
CA GLY A 59 -25.21 4.10 14.89
C GLY A 59 -26.26 3.75 13.84
N LEU A 60 -25.80 3.44 12.64
CA LEU A 60 -26.71 3.15 11.53
C LEU A 60 -26.16 1.96 10.77
N ILE A 61 -26.86 0.83 10.85
CA ILE A 61 -26.37 -0.43 10.30
C ILE A 61 -27.44 -0.91 9.33
N SER A 62 -27.25 -0.59 8.05
CA SER A 62 -28.20 -0.90 7.00
C SER A 62 -27.54 -1.80 5.95
N ASN A 63 -28.30 -2.76 5.46
CA ASN A 63 -27.88 -3.62 4.35
C ASN A 63 -28.79 -3.35 3.16
N ILE A 64 -28.19 -3.19 1.99
CA ILE A 64 -28.93 -2.92 0.76
C ILE A 64 -28.82 -4.18 -0.09
N ASP A 65 -29.93 -4.90 -0.22
CA ASP A 65 -29.94 -6.10 -1.04
C ASP A 65 -29.68 -5.73 -2.49
N VAL A 66 -28.72 -6.40 -3.12
CA VAL A 66 -28.37 -6.10 -4.50
C VAL A 66 -28.51 -7.35 -5.34
N SER A 67 -28.54 -7.14 -6.65
CA SER A 67 -28.58 -8.26 -7.59
C SER A 67 -27.32 -9.10 -7.40
N ASP A 68 -27.50 -10.42 -7.23
CA ASP A 68 -26.37 -11.29 -6.95
C ASP A 68 -25.35 -11.24 -8.07
N GLY A 69 -24.07 -11.22 -7.70
CA GLY A 69 -23.00 -11.14 -8.69
C GLY A 69 -21.73 -11.80 -8.19
N THR A 70 -20.77 -11.96 -9.11
CA THR A 70 -19.45 -12.45 -8.73
C THR A 70 -18.40 -11.35 -8.72
N GLU A 71 -18.74 -10.15 -9.20
CA GLU A 71 -17.81 -9.02 -9.22
C GLU A 71 -18.61 -7.76 -9.05
N TYR A 72 -18.15 -6.88 -8.14
CA TYR A 72 -18.86 -5.66 -7.82
C TYR A 72 -17.84 -4.60 -7.45
N GLU A 73 -18.19 -3.34 -7.69
CA GLU A 73 -17.39 -2.22 -7.24
C GLU A 73 -18.33 -1.14 -6.72
N LEU A 74 -17.81 -0.31 -5.82
CA LEU A 74 -18.51 0.89 -5.43
C LEU A 74 -17.48 1.97 -5.13
N ASP A 75 -17.95 3.22 -5.16
CA ASP A 75 -17.19 4.41 -4.84
C ASP A 75 -18.04 5.33 -3.98
N TYR A 76 -17.38 6.07 -3.09
CA TYR A 76 -18.09 7.04 -2.26
C TYR A 76 -17.09 7.96 -1.57
N ASP A 77 -17.58 9.11 -1.14
CA ASP A 77 -16.82 10.06 -0.33
C ASP A 77 -17.26 9.98 1.11
N VAL A 78 -16.30 10.02 2.02
CA VAL A 78 -16.59 10.05 3.46
C VAL A 78 -15.76 11.15 4.10
N ARG A 79 -16.38 11.90 5.00
CA ARG A 79 -15.72 12.97 5.73
C ARG A 79 -16.15 12.89 7.20
N PHE A 80 -15.17 12.83 8.09
CA PHE A 80 -15.46 12.98 9.51
C PHE A 80 -15.65 14.46 9.83
N HIS A 81 -16.56 14.74 10.78
CA HIS A 81 -16.74 16.09 11.28
C HIS A 81 -15.40 16.73 11.68
N SER A 82 -15.26 18.02 11.42
CA SER A 82 -13.99 18.70 11.69
C SER A 82 -13.65 18.68 13.19
N GLN A 83 -14.64 18.46 14.06
CA GLN A 83 -14.40 18.32 15.49
C GLN A 83 -14.66 16.90 15.98
N PHE A 84 -14.67 15.91 15.07
CA PHE A 84 -14.96 14.53 15.43
C PHE A 84 -14.08 14.06 16.59
N ASP A 85 -14.70 13.37 17.54
CA ASP A 85 -13.99 12.62 18.57
C ASP A 85 -13.64 11.26 17.99
N TRP A 86 -12.37 11.06 17.61
CA TRP A 86 -11.95 9.78 17.05
C TRP A 86 -12.32 8.62 17.96
N SER A 87 -12.03 8.75 19.25
CA SER A 87 -12.14 7.70 20.26
C SER A 87 -11.39 6.46 19.75
N ARG A 88 -11.80 5.25 20.13
CA ARG A 88 -11.00 4.07 19.77
C ARG A 88 -11.18 3.67 18.31
N GLY A 89 -12.38 3.81 17.76
CA GLY A 89 -12.65 3.60 16.35
C GLY A 89 -14.05 3.06 16.11
N GLY A 90 -14.25 2.49 14.94
CA GLY A 90 -15.54 1.94 14.59
C GLY A 90 -15.61 1.64 13.10
N ALA A 91 -16.83 1.40 12.64
CA ALA A 91 -17.11 1.06 11.25
C ALA A 91 -17.60 2.28 10.49
N VAL A 92 -17.24 2.33 9.21
CA VAL A 92 -17.57 3.47 8.36
C VAL A 92 -17.71 2.98 6.93
N GLY A 93 -18.60 3.62 6.18
CA GLY A 93 -18.63 3.44 4.73
C GLY A 93 -19.48 2.29 4.23
N PHE A 94 -19.31 2.04 2.94
CA PHE A 94 -20.09 1.09 2.16
C PHE A 94 -19.21 -0.10 1.79
N GLY A 95 -19.70 -1.32 2.05
CA GLY A 95 -18.95 -2.51 1.68
C GLY A 95 -19.87 -3.58 1.11
N PHE A 96 -19.42 -4.85 1.09
CA PHE A 96 -20.18 -5.94 0.47
C PHE A 96 -20.23 -7.16 1.38
N SER A 97 -21.34 -7.90 1.27
CA SER A 97 -21.49 -9.19 1.91
C SER A 97 -21.44 -10.29 0.86
N ILE A 98 -20.92 -11.46 1.25
CA ILE A 98 -20.94 -12.64 0.40
C ILE A 98 -21.58 -13.78 1.17
N GLY A 99 -22.49 -14.50 0.52
CA GLY A 99 -23.10 -15.64 1.18
C GLY A 99 -23.90 -15.21 2.38
N GLU A 100 -23.64 -15.85 3.53
CA GLU A 100 -24.34 -15.50 4.76
C GLU A 100 -23.92 -14.13 5.31
N GLY A 101 -22.89 -13.51 4.75
CA GLY A 101 -22.53 -12.14 5.12
C GLY A 101 -22.00 -11.98 6.53
N ASN A 102 -21.12 -12.89 6.95
CA ASN A 102 -20.59 -12.92 8.31
C ASN A 102 -20.06 -11.57 8.78
N THR A 103 -20.48 -11.15 9.98
CA THR A 103 -19.97 -9.98 10.66
C THR A 103 -20.01 -10.25 12.17
N GLY A 104 -19.54 -9.27 12.93
CA GLY A 104 -19.82 -9.17 14.35
C GLY A 104 -19.38 -10.32 15.24
N GLY A 105 -18.14 -10.78 15.08
CA GLY A 105 -17.60 -11.89 15.86
C GLY A 105 -18.05 -13.27 15.42
N ASP A 106 -18.71 -13.38 14.26
CA ASP A 106 -19.11 -14.67 13.69
C ASP A 106 -18.21 -14.91 12.48
N PRO A 107 -17.06 -15.55 12.66
CA PRO A 107 -16.09 -15.67 11.56
C PRO A 107 -16.56 -16.64 10.49
N GLY A 108 -16.13 -16.37 9.25
CA GLY A 108 -16.51 -17.17 8.11
C GLY A 108 -15.76 -18.48 7.98
N TRP A 109 -15.30 -19.03 9.11
CA TRP A 109 -14.57 -20.31 9.08
C TRP A 109 -15.38 -21.43 8.44
N ASP A 110 -16.71 -21.34 8.44
CA ASP A 110 -17.50 -22.44 7.89
C ASP A 110 -17.56 -22.41 6.37
N GLY A 111 -16.87 -21.46 5.72
CA GLY A 111 -16.90 -21.41 4.27
C GLY A 111 -18.21 -20.95 3.65
N ASN A 112 -19.13 -20.39 4.43
CA ASN A 112 -20.45 -20.05 3.93
C ASN A 112 -20.74 -18.53 3.89
N GLY A 113 -19.75 -17.67 4.15
CA GLY A 113 -20.03 -16.25 4.07
C GLY A 113 -18.85 -15.39 4.50
N GLY A 114 -18.90 -14.13 4.06
CA GLY A 114 -17.92 -13.14 4.47
C GLY A 114 -18.40 -11.75 4.15
N THR A 115 -17.60 -10.76 4.56
CA THR A 115 -17.90 -9.36 4.28
C THR A 115 -16.62 -8.59 4.01
N LEU A 116 -16.77 -7.54 3.23
CA LEU A 116 -15.69 -6.59 2.95
C LEU A 116 -16.19 -5.23 3.42
N ARG A 117 -15.65 -4.75 4.55
CA ARG A 117 -16.00 -3.44 5.09
C ARG A 117 -14.72 -2.75 5.55
N MET A 118 -14.88 -1.53 6.04
CA MET A 118 -13.78 -0.70 6.48
C MET A 118 -14.05 -0.13 7.87
N MET A 119 -12.98 0.05 8.66
CA MET A 119 -13.02 0.61 10.00
C MET A 119 -12.09 1.80 10.12
N TRP A 120 -12.33 2.65 11.10
CA TRP A 120 -11.26 3.49 11.61
C TRP A 120 -10.83 2.99 12.98
N TYR A 121 -9.60 3.35 13.36
CA TYR A 121 -9.01 2.86 14.59
C TYR A 121 -7.97 3.85 15.08
N GLN A 122 -7.87 4.01 16.39
CA GLN A 122 -6.84 4.84 17.00
C GLN A 122 -6.03 3.99 17.96
N THR A 123 -4.73 3.89 17.70
CA THR A 123 -3.85 3.11 18.55
C THR A 123 -3.65 3.76 19.91
N ASP A 124 -3.09 2.96 20.84
CA ASP A 124 -2.75 3.47 22.17
C ASP A 124 -1.92 4.74 22.09
N ALA A 125 -1.02 4.82 21.09
CA ALA A 125 -0.14 5.98 20.98
C ALA A 125 -0.79 7.13 20.23
N GLY A 126 -2.00 6.99 19.73
CA GLY A 126 -2.70 8.11 19.14
C GLY A 126 -2.63 8.21 17.63
N ARG A 127 -2.16 7.17 16.93
CA ARG A 127 -2.24 7.15 15.48
C ARG A 127 -3.65 6.71 15.06
N VAL A 128 -4.27 7.46 14.14
CA VAL A 128 -5.62 7.18 13.66
C VAL A 128 -5.56 6.80 12.19
N PHE A 129 -6.26 5.74 11.82
CA PHE A 129 -6.18 5.31 10.42
C PHE A 129 -7.39 4.47 10.04
N PHE A 130 -7.60 4.35 8.72
CA PHE A 130 -8.55 3.39 8.18
C PHE A 130 -7.91 2.01 8.09
N GLN A 131 -8.74 0.98 8.22
CA GLN A 131 -8.20 -0.36 8.10
C GLN A 131 -9.28 -1.30 7.59
N PRO A 132 -8.91 -2.33 6.82
CA PRO A 132 -9.88 -3.32 6.38
C PRO A 132 -10.46 -4.08 7.57
N ALA A 133 -11.71 -4.50 7.43
CA ALA A 133 -12.34 -5.45 8.35
C ALA A 133 -12.96 -6.53 7.48
N ILE A 134 -12.24 -7.63 7.26
CA ILE A 134 -12.61 -8.63 6.26
C ILE A 134 -12.98 -9.91 6.98
N TYR A 135 -14.21 -10.38 6.78
CA TYR A 135 -14.62 -11.69 7.24
C TYR A 135 -14.54 -12.64 6.06
N HIS A 136 -13.83 -13.76 6.24
CA HIS A 136 -13.64 -14.69 5.13
C HIS A 136 -13.25 -16.05 5.69
N LYS A 137 -13.16 -17.03 4.79
CA LYS A 137 -12.86 -18.41 5.19
C LYS A 137 -11.61 -18.48 6.07
N ASP A 138 -10.58 -17.72 5.72
CA ASP A 138 -9.28 -17.82 6.38
C ASP A 138 -8.99 -16.63 7.30
N GLN A 139 -10.03 -15.95 7.81
CA GLN A 139 -9.77 -14.91 8.79
C GLN A 139 -9.15 -15.54 10.03
N PRO A 140 -8.10 -14.94 10.60
CA PRO A 140 -7.41 -15.58 11.72
C PRO A 140 -8.16 -15.53 13.04
N GLY A 141 -8.94 -14.49 13.32
CA GLY A 141 -9.67 -14.35 14.55
C GLY A 141 -11.17 -14.40 14.35
N GLN A 142 -11.90 -14.28 15.46
CA GLN A 142 -13.36 -14.27 15.38
C GLN A 142 -13.90 -12.98 14.77
N TYR A 143 -13.17 -11.89 14.90
CA TYR A 143 -13.56 -10.62 14.31
C TYR A 143 -12.78 -10.39 13.01
N GLY A 144 -13.00 -9.23 12.39
CA GLY A 144 -12.55 -9.00 11.03
C GLY A 144 -11.03 -9.05 10.88
N ASP A 145 -10.60 -9.46 9.69
CA ASP A 145 -9.20 -9.51 9.31
C ASP A 145 -8.81 -8.16 8.73
N THR A 146 -7.73 -7.59 9.23
CA THR A 146 -7.22 -6.31 8.73
C THR A 146 -6.14 -6.49 7.69
N PHE A 147 -5.63 -7.73 7.54
CA PHE A 147 -4.46 -8.03 6.73
C PHE A 147 -3.25 -7.19 7.16
N GLY A 148 -3.30 -6.65 8.38
CA GLY A 148 -2.25 -5.79 8.86
C GLY A 148 -2.10 -4.49 8.13
N LYS A 149 -3.11 -4.08 7.34
CA LYS A 149 -3.00 -2.88 6.51
C LYS A 149 -3.65 -1.68 7.19
N SER A 150 -3.14 -0.49 6.87
CA SER A 150 -3.71 0.74 7.38
C SER A 150 -3.50 1.86 6.38
N TYR A 151 -4.46 2.77 6.31
CA TYR A 151 -4.33 4.00 5.55
C TYR A 151 -4.55 5.20 6.47
N PRO A 152 -3.61 6.16 6.49
CA PRO A 152 -2.33 6.08 5.78
C PRO A 152 -1.40 5.08 6.47
N SER A 153 -0.39 4.56 5.76
CA SER A 153 0.47 3.55 6.36
C SER A 153 1.37 4.17 7.43
N SER A 154 1.74 5.42 7.27
CA SER A 154 2.36 6.21 8.33
C SER A 154 1.49 7.44 8.56
N GLY A 155 1.57 8.01 9.76
CA GLY A 155 0.74 9.18 10.05
C GLY A 155 -0.72 8.82 10.29
N SER A 156 -1.57 9.83 10.28
CA SER A 156 -2.97 9.66 10.64
C SER A 156 -3.90 10.28 9.59
N ILE A 157 -5.13 9.76 9.54
CA ILE A 157 -6.19 10.44 8.82
C ILE A 157 -6.50 11.71 9.59
N THR A 158 -7.34 12.57 9.01
CA THR A 158 -7.53 13.93 9.49
C THR A 158 -9.02 14.25 9.49
N LYS A 159 -9.47 14.95 10.52
CA LYS A 159 -10.87 15.34 10.62
C LYS A 159 -11.20 16.42 9.60
N GLY A 160 -12.42 16.37 9.06
CA GLY A 160 -12.82 17.30 8.03
C GLY A 160 -12.31 16.98 6.63
N THR A 161 -11.43 16.00 6.48
CA THR A 161 -10.91 15.65 5.18
C THR A 161 -11.84 14.69 4.46
N THR A 162 -12.08 14.96 3.18
CA THR A 162 -12.86 14.08 2.32
C THR A 162 -11.96 12.96 1.81
N TYR A 163 -12.31 11.73 2.15
CA TYR A 163 -11.60 10.56 1.65
C TYR A 163 -12.47 9.90 0.60
N HIS A 164 -11.93 9.75 -0.60
CA HIS A 164 -12.64 9.03 -1.66
C HIS A 164 -12.24 7.56 -1.59
N VAL A 165 -13.24 6.70 -1.42
CA VAL A 165 -13.03 5.28 -1.16
C VAL A 165 -13.59 4.48 -2.33
N HIS A 166 -12.74 3.63 -2.91
CA HIS A 166 -13.15 2.69 -3.94
C HIS A 166 -13.04 1.29 -3.38
N VAL A 167 -14.10 0.50 -3.52
CA VAL A 167 -14.13 -0.88 -3.05
C VAL A 167 -14.43 -1.81 -4.23
N TYR A 168 -13.65 -2.86 -4.38
CA TYR A 168 -13.91 -3.85 -5.42
C TYR A 168 -13.84 -5.24 -4.80
N ILE A 169 -14.78 -6.11 -5.16
CA ILE A 169 -14.85 -7.45 -4.60
C ILE A 169 -15.05 -8.45 -5.73
N LYS A 170 -14.43 -9.62 -5.62
CA LYS A 170 -14.67 -10.71 -6.55
C LYS A 170 -14.87 -12.01 -5.80
N SER A 171 -15.96 -12.73 -6.11
CA SER A 171 -16.16 -14.07 -5.58
C SER A 171 -15.00 -14.99 -5.93
N ASN A 172 -14.73 -15.96 -5.05
CA ASN A 172 -13.82 -17.04 -5.39
C ASN A 172 -14.63 -18.26 -5.85
N THR A 173 -13.92 -19.27 -6.33
CA THR A 173 -14.54 -20.52 -6.74
C THR A 173 -14.10 -21.63 -5.81
N GLY A 174 -15.05 -22.51 -5.47
CA GLY A 174 -14.72 -23.69 -4.70
C GLY A 174 -13.86 -23.35 -3.50
N SER A 175 -12.77 -24.09 -3.35
CA SER A 175 -11.80 -23.90 -2.29
C SER A 175 -10.57 -23.15 -2.75
N ASN A 176 -10.67 -22.43 -3.85
CA ASN A 176 -9.55 -21.70 -4.41
C ASN A 176 -9.47 -20.30 -3.81
N ARG A 177 -8.27 -19.76 -3.80
CA ARG A 177 -8.03 -18.36 -3.42
C ARG A 177 -7.95 -17.50 -4.69
N ASP A 178 -9.05 -17.52 -5.46
CA ASP A 178 -9.13 -16.73 -6.68
C ASP A 178 -10.20 -15.64 -6.60
N GLY A 179 -10.71 -15.34 -5.40
CA GLY A 179 -11.48 -14.14 -5.18
C GLY A 179 -10.57 -12.94 -4.97
N ARG A 180 -11.19 -11.78 -4.78
CA ARG A 180 -10.43 -10.54 -4.62
C ARG A 180 -11.10 -9.63 -3.61
N ALA A 181 -10.28 -8.95 -2.81
CA ALA A 181 -10.72 -7.85 -1.96
C ALA A 181 -9.81 -6.67 -2.22
N GLN A 182 -10.39 -5.49 -2.49
CA GLN A 182 -9.56 -4.34 -2.81
C GLN A 182 -10.19 -3.07 -2.24
N ILE A 183 -9.37 -2.24 -1.61
CA ILE A 183 -9.78 -0.96 -1.05
C ILE A 183 -8.74 0.07 -1.45
N ILE A 184 -9.18 1.12 -2.16
CA ILE A 184 -8.34 2.24 -2.56
C ILE A 184 -8.90 3.52 -1.94
N ILE A 185 -8.03 4.32 -1.34
CA ILE A 185 -8.48 5.55 -0.68
C ILE A 185 -7.67 6.72 -1.23
N ASN A 186 -8.36 7.70 -1.80
CA ASN A 186 -7.73 8.82 -2.49
C ASN A 186 -6.59 8.34 -3.40
N GLY A 187 -6.88 7.30 -4.18
CA GLY A 187 -5.91 6.81 -5.15
C GLY A 187 -4.86 5.88 -4.62
N THR A 188 -4.74 5.75 -3.30
CA THR A 188 -3.76 4.85 -2.70
C THR A 188 -4.38 3.48 -2.48
N THR A 189 -3.70 2.44 -2.92
CA THR A 189 -4.18 1.09 -2.68
C THR A 189 -3.89 0.74 -1.23
N VAL A 190 -4.95 0.55 -0.46
CA VAL A 190 -4.79 0.13 0.93
C VAL A 190 -4.73 -1.38 1.03
N LEU A 191 -5.64 -2.05 0.33
CA LEU A 191 -5.69 -3.50 0.27
C LEU A 191 -5.96 -3.92 -1.16
N ASP A 192 -5.26 -4.95 -1.61
CA ASP A 192 -5.51 -5.55 -2.91
C ASP A 192 -4.97 -6.97 -2.85
N THR A 193 -5.81 -7.89 -2.40
CA THR A 193 -5.34 -9.23 -2.11
C THR A 193 -6.22 -10.25 -2.80
N ALA A 194 -5.60 -11.34 -3.24
CA ALA A 194 -6.34 -12.58 -3.45
C ALA A 194 -6.95 -13.02 -2.12
N ILE A 195 -8.12 -13.66 -2.20
CA ILE A 195 -8.79 -14.07 -0.98
C ILE A 195 -9.67 -15.27 -1.28
N ARG A 196 -9.92 -16.07 -0.26
CA ARG A 196 -10.90 -17.14 -0.32
C ARG A 196 -12.07 -16.70 0.56
N TRP A 197 -13.14 -16.20 -0.07
CA TRP A 197 -14.31 -15.78 0.68
C TRP A 197 -15.04 -16.98 1.28
N THR A 198 -15.27 -17.99 0.46
CA THR A 198 -16.13 -19.13 0.79
C THR A 198 -15.48 -20.41 0.28
N THR A 199 -15.94 -21.55 0.79
CA THR A 199 -15.63 -22.85 0.22
C THR A 199 -16.88 -23.58 -0.28
N ASN A 200 -18.07 -23.12 0.10
CA ASN A 200 -19.34 -23.66 -0.37
C ASN A 200 -19.85 -22.79 -1.52
N ASP A 201 -19.83 -23.35 -2.74
CA ASP A 201 -20.17 -22.56 -3.91
C ASP A 201 -21.62 -22.08 -3.93
N ALA A 202 -22.52 -22.73 -3.21
CA ALA A 202 -23.89 -22.21 -3.13
C ALA A 202 -23.95 -20.86 -2.41
N GLN A 203 -22.88 -20.45 -1.72
CA GLN A 203 -22.85 -19.20 -0.98
C GLN A 203 -21.76 -18.26 -1.50
N ARG A 204 -21.23 -18.50 -2.69
CA ARG A 204 -20.08 -17.73 -3.19
C ARG A 204 -20.46 -16.37 -3.75
N LEU A 205 -21.74 -16.07 -3.94
CA LEU A 205 -22.10 -14.85 -4.65
C LEU A 205 -22.13 -13.64 -3.72
N ILE A 206 -21.92 -12.47 -4.31
CA ILE A 206 -22.10 -11.20 -3.63
C ILE A 206 -23.59 -10.90 -3.58
N LYS A 207 -24.13 -10.68 -2.37
CA LYS A 207 -25.57 -10.62 -2.17
C LYS A 207 -26.11 -9.27 -1.73
N ASN A 208 -25.34 -8.46 -1.00
CA ASN A 208 -25.82 -7.13 -0.69
C ASN A 208 -24.66 -6.17 -0.43
N MET A 209 -25.02 -4.90 -0.31
CA MET A 209 -24.10 -3.82 0.01
C MET A 209 -24.34 -3.42 1.47
N THR A 210 -23.25 -3.37 2.26
CA THR A 210 -23.34 -2.93 3.64
C THR A 210 -23.19 -1.41 3.72
N PHE A 211 -23.95 -0.80 4.60
CA PHE A 211 -23.80 0.62 4.94
C PHE A 211 -23.81 0.67 6.46
N HIS A 212 -22.63 0.47 7.06
CA HIS A 212 -22.50 0.31 8.50
C HIS A 212 -21.65 1.46 9.04
N THR A 213 -22.25 2.27 9.91
CA THR A 213 -21.54 3.36 10.59
C THR A 213 -21.82 3.22 12.08
N PHE A 214 -20.79 2.89 12.85
CA PHE A 214 -20.95 2.74 14.29
C PHE A 214 -19.60 2.83 14.98
N ARG A 215 -19.65 3.10 16.28
CA ARG A 215 -18.49 3.04 17.16
C ARG A 215 -18.35 1.64 17.74
N GLY A 216 -17.11 1.22 17.98
CA GLY A 216 -16.83 -0.08 18.55
C GLY A 216 -16.50 -1.12 17.50
N GLY A 217 -16.02 -2.29 17.95
CA GLY A 217 -15.73 -2.53 19.36
C GLY A 217 -16.94 -2.88 20.22
N SER A 218 -16.68 -3.53 21.36
CA SER A 218 -17.73 -3.79 22.33
C SER A 218 -17.36 -3.31 23.74
N GLN A 219 -16.15 -2.83 23.96
CA GLN A 219 -15.73 -2.32 25.26
C GLN A 219 -16.10 -0.83 25.39
N THR A 220 -16.37 -0.39 26.62
CA THR A 220 -16.96 0.93 26.81
C THR A 220 -16.01 2.06 26.40
N TYR A 221 -14.70 1.81 26.38
CA TYR A 221 -13.79 2.87 25.96
C TYR A 221 -13.86 3.18 24.47
N TRP A 222 -14.58 2.39 23.67
CA TRP A 222 -14.84 2.80 22.28
C TRP A 222 -15.93 3.87 22.18
N GLN A 223 -16.65 4.16 23.27
CA GLN A 223 -17.74 5.12 23.24
C GLN A 223 -17.19 6.56 23.19
N SER A 224 -18.09 7.50 22.91
CA SER A 224 -17.79 8.92 22.96
C SER A 224 -18.86 9.62 23.81
N PRO A 225 -18.50 10.63 24.60
CA PRO A 225 -19.53 11.32 25.39
C PRO A 225 -20.35 12.33 24.58
N VAL A 226 -20.06 12.53 23.29
CA VAL A 226 -20.80 13.48 22.46
C VAL A 226 -21.38 12.74 21.25
N ASP A 227 -22.53 13.22 20.79
CA ASP A 227 -23.04 12.81 19.48
C ASP A 227 -22.05 13.24 18.41
N SER A 228 -21.76 12.36 17.48
CA SER A 228 -20.73 12.62 16.50
C SER A 228 -21.28 12.36 15.09
N TYR A 229 -20.69 13.02 14.10
CA TYR A 229 -21.27 13.06 12.77
C TYR A 229 -20.26 12.64 11.71
N ILE A 230 -20.72 11.82 10.77
CA ILE A 230 -19.94 11.38 9.63
C ILE A 230 -20.77 11.67 8.37
N TYR A 231 -20.12 12.22 7.35
CA TYR A 231 -20.81 12.72 6.16
C TYR A 231 -20.42 11.89 4.92
N TYR A 232 -21.43 11.43 4.19
CA TYR A 232 -21.25 10.60 3.00
C TYR A 232 -21.77 11.33 1.77
N ASP A 233 -21.18 11.04 0.61
CA ASP A 233 -21.67 11.63 -0.63
C ASP A 233 -21.23 10.78 -1.82
N ASN A 234 -22.00 10.89 -2.90
CA ASN A 234 -21.58 10.37 -4.22
C ASN A 234 -21.37 8.86 -4.20
N LEU A 235 -22.37 8.12 -3.76
CA LEU A 235 -22.29 6.68 -3.80
C LEU A 235 -22.56 6.20 -5.21
N VAL A 236 -21.60 5.50 -5.81
CA VAL A 236 -21.75 4.87 -7.11
C VAL A 236 -21.48 3.38 -6.94
N LEU A 237 -22.50 2.56 -7.21
CA LEU A 237 -22.39 1.10 -7.15
C LEU A 237 -22.51 0.55 -8.55
N ARG A 238 -21.72 -0.48 -8.86
CA ARG A 238 -21.79 -1.07 -10.19
C ARG A 238 -21.50 -2.57 -10.14
N LYS A 239 -22.48 -3.36 -10.52
CA LYS A 239 -22.24 -4.77 -10.81
C LYS A 239 -21.32 -4.88 -12.03
N ILE A 240 -20.32 -5.74 -11.94
CA ILE A 240 -19.38 -5.93 -13.04
C ILE A 240 -19.66 -7.25 -13.76
N ARG A 241 -19.95 -8.30 -13.01
CA ARG A 241 -20.07 -9.62 -13.61
C ARG A 241 -20.94 -10.49 -12.71
N LEU A 242 -21.55 -11.51 -13.31
CA LEU A 242 -22.04 -12.68 -12.59
C LEU A 242 -21.59 -13.91 -13.37
N GLU A 243 -20.74 -14.73 -12.74
CA GLU A 243 -20.10 -15.88 -13.36
C GLU A 243 -20.39 -17.12 -12.52
N HIS A 244 -21.49 -17.79 -12.83
CA HIS A 244 -21.90 -19.04 -12.17
C HIS A 244 -20.83 -20.14 -12.31
N ALA B 1 -16.16 14.28 -13.42
CA ALA B 1 -15.27 14.47 -14.56
C ALA B 1 -13.82 14.24 -14.15
N ILE B 2 -13.09 13.70 -15.11
CA ILE B 2 -11.63 13.71 -15.09
C ILE B 2 -11.24 14.69 -16.18
N PRO B 3 -11.04 15.95 -15.85
CA PRO B 3 -10.90 16.99 -16.88
C PRO B 3 -9.56 16.93 -17.59
N SER B 4 -9.56 17.49 -18.79
CA SER B 4 -8.33 17.78 -19.54
C SER B 4 -8.01 19.27 -19.57
N SER B 5 -8.96 20.11 -19.17
CA SER B 5 -8.67 21.53 -19.04
C SER B 5 -9.67 22.11 -18.05
N LEU B 6 -9.22 23.15 -17.34
CA LEU B 6 -10.01 23.82 -16.33
C LEU B 6 -9.79 25.31 -16.44
N SER B 7 -10.84 26.08 -16.16
CA SER B 7 -10.74 27.54 -16.05
C SER B 7 -11.58 27.96 -14.84
N ILE B 8 -10.92 28.25 -13.71
CA ILE B 8 -11.62 28.48 -12.44
C ILE B 8 -11.08 29.76 -11.82
N ASN B 9 -11.96 30.76 -11.65
CA ASN B 9 -11.60 32.00 -10.97
C ASN B 9 -12.50 32.31 -9.78
N TRP B 10 -13.42 31.42 -9.44
CA TRP B 10 -14.29 31.52 -8.26
C TRP B 10 -15.12 32.81 -8.23
N ASN B 11 -15.18 33.57 -9.32
CA ASN B 11 -15.93 34.82 -9.32
C ASN B 11 -17.44 34.58 -9.23
N ASN B 12 -17.91 33.38 -9.55
CA ASN B 12 -19.33 33.06 -9.53
C ASN B 12 -19.87 32.76 -8.13
N TYR B 13 -19.01 32.57 -7.13
CA TYR B 13 -19.44 32.27 -5.76
C TYR B 13 -19.60 33.54 -4.93
N ALA B 14 -20.63 33.57 -4.10
CA ALA B 14 -20.70 34.58 -3.05
C ALA B 14 -19.63 34.29 -2.00
N THR B 15 -19.24 35.33 -1.28
CA THR B 15 -18.27 35.15 -0.21
C THR B 15 -18.86 34.24 0.85
N GLY B 16 -18.09 33.25 1.28
CA GLY B 16 -18.56 32.31 2.28
C GLY B 16 -17.93 30.95 2.07
N ALA B 17 -18.60 29.95 2.63
CA ALA B 17 -18.13 28.58 2.62
C ALA B 17 -17.88 28.07 1.20
N TYR B 18 -16.88 27.19 1.08
CA TYR B 18 -16.58 26.47 -0.16
C TYR B 18 -16.49 25.00 0.19
N SER B 19 -17.49 24.21 -0.23
CA SER B 19 -17.62 22.83 0.21
C SER B 19 -16.86 21.87 -0.70
N SER B 20 -16.68 20.62 -0.23
CA SER B 20 -16.14 19.57 -1.09
C SER B 20 -16.97 19.45 -2.35
N GLY B 21 -18.29 19.61 -2.22
CA GLY B 21 -19.15 19.57 -3.38
C GLY B 21 -18.85 20.67 -4.37
N ASN B 22 -18.63 21.90 -3.87
CA ASN B 22 -18.22 22.98 -4.76
C ASN B 22 -16.91 22.64 -5.47
N ALA B 23 -15.92 22.16 -4.72
CA ALA B 23 -14.62 21.83 -5.32
C ALA B 23 -14.76 20.75 -6.38
N ALA B 24 -15.58 19.74 -6.12
CA ALA B 24 -15.76 18.67 -7.09
C ALA B 24 -16.47 19.17 -8.34
N SER B 25 -17.41 20.11 -8.19
CA SER B 25 -18.06 20.64 -9.38
C SER B 25 -17.11 21.53 -10.18
N ASP B 26 -16.27 22.33 -9.52
CA ASP B 26 -15.31 23.15 -10.25
C ASP B 26 -14.17 22.31 -10.82
N PHE B 27 -13.65 21.36 -10.06
CA PHE B 27 -12.46 20.64 -10.47
C PHE B 27 -12.76 19.31 -11.16
N GLY B 28 -13.99 18.84 -11.13
CA GLY B 28 -14.32 17.51 -11.62
C GLY B 28 -14.24 16.48 -10.51
N ASN B 29 -13.13 16.49 -9.79
CA ASN B 29 -12.91 15.56 -8.69
C ASN B 29 -11.96 16.23 -7.70
N ALA B 30 -12.08 15.87 -6.43
CA ALA B 30 -11.29 16.56 -5.42
C ALA B 30 -11.09 15.71 -4.16
N GLY B 31 -10.57 14.49 -4.31
CA GLY B 31 -10.24 13.70 -3.14
C GLY B 31 -9.25 14.43 -2.24
N GLY B 32 -9.42 14.28 -0.94
CA GLY B 32 -8.55 14.96 -0.01
C GLY B 32 -8.95 16.39 0.33
N TRP B 33 -10.00 16.92 -0.30
CA TRP B 33 -10.46 18.25 0.09
C TRP B 33 -10.81 18.29 1.57
N ASN B 34 -10.59 19.45 2.20
CA ASN B 34 -11.02 19.69 3.57
C ASN B 34 -11.78 21.01 3.57
N GLN B 35 -13.11 20.92 3.52
CA GLN B 35 -13.91 22.13 3.28
C GLN B 35 -13.90 23.08 4.46
N SER B 36 -13.61 22.61 5.68
CA SER B 36 -13.50 23.54 6.79
C SER B 36 -12.29 24.45 6.66
N ARG B 37 -11.41 24.20 5.68
CA ARG B 37 -10.23 25.01 5.43
C ARG B 37 -10.29 25.74 4.09
N SER B 38 -11.43 25.73 3.41
CA SER B 38 -11.56 26.46 2.16
C SER B 38 -12.73 27.43 2.26
N TYR B 39 -12.58 28.59 1.64
CA TYR B 39 -13.51 29.69 1.84
C TYR B 39 -13.38 30.61 0.62
N ILE B 40 -14.50 31.09 0.11
CA ILE B 40 -14.46 32.09 -0.95
C ILE B 40 -14.47 33.46 -0.30
N SER B 41 -13.39 34.21 -0.52
CA SER B 41 -13.21 35.54 0.05
C SER B 41 -12.91 36.50 -1.09
N ASP B 42 -13.85 37.42 -1.34
CA ASP B 42 -13.63 38.52 -2.29
C ASP B 42 -13.34 37.99 -3.70
N GLY B 43 -14.07 36.96 -4.11
CA GLY B 43 -13.82 36.33 -5.40
C GLY B 43 -12.52 35.54 -5.46
N THR B 44 -12.05 35.03 -4.33
CA THR B 44 -10.79 34.32 -4.25
C THR B 44 -10.95 33.06 -3.39
N LEU B 45 -10.30 31.97 -3.77
CA LEU B 45 -10.27 30.76 -2.95
C LEU B 45 -9.23 30.94 -1.85
N ARG B 46 -9.69 31.01 -0.61
CA ARG B 46 -8.82 31.13 0.56
C ARG B 46 -8.68 29.78 1.25
N VAL B 47 -7.43 29.37 1.50
CA VAL B 47 -7.14 28.13 2.21
C VAL B 47 -6.56 28.47 3.57
N THR B 48 -7.07 27.80 4.60
CA THR B 48 -6.59 28.00 5.97
C THR B 48 -5.50 26.98 6.31
N LEU B 49 -4.41 27.48 6.88
CA LEU B 49 -3.39 26.66 7.54
C LEU B 49 -3.64 26.73 9.05
N LEU B 50 -4.16 25.64 9.62
CA LEU B 50 -4.48 25.67 11.04
C LEU B 50 -3.23 25.91 11.87
N LYS B 51 -3.44 26.52 13.03
CA LYS B 51 -2.39 26.73 14.01
C LYS B 51 -1.93 25.40 14.62
N ASN B 52 -0.67 25.37 15.07
CA ASN B 52 -0.08 24.23 15.76
C ASN B 52 -0.21 22.92 14.97
N ALA B 53 -0.14 22.99 13.65
CA ALA B 53 -0.32 21.78 12.86
C ALA B 53 0.56 21.87 11.62
N LEU B 54 0.92 20.70 11.09
CA LEU B 54 1.68 20.60 9.84
C LEU B 54 0.93 19.74 8.84
N SER B 55 1.31 19.87 7.57
CA SER B 55 0.96 18.89 6.54
C SER B 55 -0.57 18.82 6.39
N GLY B 56 -1.09 17.64 6.06
CA GLY B 56 -2.53 17.45 5.92
C GLY B 56 -3.31 17.70 7.19
N ALA B 57 -2.68 17.55 8.35
CA ALA B 57 -3.41 17.79 9.60
C ALA B 57 -3.78 19.26 9.75
N GLY B 58 -3.03 20.17 9.15
CA GLY B 58 -3.32 21.58 9.26
C GLY B 58 -3.69 22.29 7.96
N GLY B 59 -3.42 21.64 6.82
CA GLY B 59 -3.59 22.29 5.53
C GLY B 59 -4.64 21.64 4.64
N LEU B 60 -4.44 21.71 3.33
CA LEU B 60 -5.36 21.11 2.38
C LEU B 60 -4.55 20.48 1.27
N ILE B 61 -4.67 19.17 1.12
CA ILE B 61 -3.84 18.39 0.22
C ILE B 61 -4.80 17.59 -0.65
N SER B 62 -5.00 18.02 -1.89
CA SER B 62 -5.95 17.40 -2.79
C SER B 62 -5.24 17.11 -4.10
N ASN B 63 -5.53 15.95 -4.66
CA ASN B 63 -5.01 15.57 -5.97
C ASN B 63 -6.19 15.52 -6.93
N ILE B 64 -6.16 16.35 -7.97
CA ILE B 64 -7.22 16.41 -8.95
C ILE B 64 -6.78 15.53 -10.12
N ASP B 65 -7.36 14.33 -10.22
CA ASP B 65 -7.07 13.46 -11.34
C ASP B 65 -7.40 14.16 -12.64
N VAL B 66 -6.47 14.14 -13.59
CA VAL B 66 -6.68 14.76 -14.89
C VAL B 66 -6.51 13.71 -15.98
N SER B 67 -7.02 14.04 -17.17
CA SER B 67 -6.87 13.16 -18.32
C SER B 67 -5.39 12.93 -18.59
N ASP B 68 -5.02 11.67 -18.78
CA ASP B 68 -3.61 11.28 -18.94
C ASP B 68 -2.94 12.12 -20.03
N GLY B 69 -1.73 12.61 -19.73
CA GLY B 69 -1.01 13.39 -20.70
C GLY B 69 0.49 13.17 -20.61
N THR B 70 1.19 13.62 -21.66
CA THR B 70 2.64 13.70 -21.66
C THR B 70 3.13 15.13 -21.62
N GLU B 71 2.25 16.11 -21.80
CA GLU B 71 2.58 17.51 -21.65
C GLU B 71 1.40 18.26 -21.05
N TYR B 72 1.67 19.09 -20.05
CA TYR B 72 0.62 19.83 -19.36
C TYR B 72 1.16 21.19 -18.95
N GLU B 73 0.25 22.14 -18.76
CA GLU B 73 0.60 23.45 -18.26
C GLU B 73 -0.53 23.95 -17.37
N LEU B 74 -0.19 24.84 -16.45
CA LEU B 74 -1.21 25.53 -15.68
C LEU B 74 -0.69 26.90 -15.29
N ASP B 75 -1.64 27.77 -14.95
CA ASP B 75 -1.37 29.11 -14.47
C ASP B 75 -2.29 29.38 -13.29
N TYR B 76 -1.80 30.16 -12.34
CA TYR B 76 -2.65 30.59 -11.24
C TYR B 76 -2.03 31.82 -10.58
N ASP B 77 -2.84 32.49 -9.78
CA ASP B 77 -2.39 33.58 -8.92
C ASP B 77 -2.39 33.10 -7.47
N VAL B 78 -1.39 33.51 -6.71
CA VAL B 78 -1.29 33.17 -5.30
C VAL B 78 -0.88 34.42 -4.53
N ARG B 79 -1.48 34.60 -3.35
CA ARG B 79 -1.20 35.74 -2.51
C ARG B 79 -1.22 35.28 -1.05
N PHE B 80 -0.17 35.59 -0.31
CA PHE B 80 -0.21 35.39 1.13
C PHE B 80 -0.96 36.53 1.81
N HIS B 81 -1.66 36.20 2.89
CA HIS B 81 -2.31 37.22 3.72
C HIS B 81 -1.32 38.32 4.08
N SER B 82 -1.84 39.53 4.27
CA SER B 82 -0.99 40.68 4.55
C SER B 82 -0.34 40.61 5.93
N GLN B 83 -0.85 39.77 6.83
CA GLN B 83 -0.26 39.56 8.14
C GLN B 83 0.24 38.13 8.30
N PHE B 84 0.40 37.41 7.18
CA PHE B 84 0.84 36.03 7.17
C PHE B 84 2.09 35.83 8.02
N ASP B 85 2.06 34.82 8.89
CA ASP B 85 3.27 34.39 9.61
C ASP B 85 4.03 33.44 8.69
N TRP B 86 5.16 33.93 8.14
CA TRP B 86 5.95 33.10 7.23
C TRP B 86 6.33 31.78 7.88
N SER B 87 6.88 31.86 9.08
CA SER B 87 7.49 30.74 9.81
C SER B 87 8.50 30.09 8.87
N ARG B 88 8.70 28.77 8.95
CA ARG B 88 9.83 28.16 8.23
C ARG B 88 9.51 27.88 6.77
N GLY B 89 8.26 27.59 6.43
CA GLY B 89 7.88 27.36 5.05
C GLY B 89 6.80 26.31 4.93
N GLY B 90 6.55 25.89 3.70
CA GLY B 90 5.49 24.94 3.44
C GLY B 90 5.25 24.80 1.95
N ALA B 91 4.17 24.11 1.61
CA ALA B 91 3.77 23.88 0.24
C ALA B 91 2.67 24.85 -0.17
N VAL B 92 2.67 25.23 -1.45
CA VAL B 92 1.73 26.22 -1.95
C VAL B 92 1.45 25.95 -3.43
N GLY B 93 0.22 26.18 -3.86
CA GLY B 93 -0.10 26.23 -5.27
C GLY B 93 -0.41 24.90 -5.94
N PHE B 94 -0.43 24.97 -7.28
CA PHE B 94 -0.86 23.89 -8.14
C PHE B 94 0.34 23.33 -8.90
N GLY B 95 0.43 22.00 -8.97
CA GLY B 95 1.54 21.27 -9.56
C GLY B 95 1.07 20.01 -10.27
N PHE B 96 1.98 19.08 -10.57
CA PHE B 96 1.61 17.89 -11.33
C PHE B 96 2.24 16.65 -10.72
N SER B 97 1.58 15.51 -10.93
CA SER B 97 2.08 14.20 -10.54
C SER B 97 2.28 13.33 -11.77
N ILE B 98 3.40 12.61 -11.81
CA ILE B 98 3.65 11.62 -12.84
C ILE B 98 3.77 10.27 -12.18
N GLY B 99 3.13 9.25 -12.75
CA GLY B 99 3.27 7.91 -12.24
C GLY B 99 2.69 7.76 -10.84
N GLU B 100 3.46 7.15 -9.95
CA GLU B 100 3.02 7.01 -8.58
C GLU B 100 3.05 8.32 -7.81
N GLY B 101 3.57 9.40 -8.41
CA GLY B 101 3.49 10.72 -7.80
C GLY B 101 4.17 10.86 -6.45
N ASN B 102 5.41 10.37 -6.36
CA ASN B 102 6.19 10.45 -5.13
C ASN B 102 6.16 11.84 -4.51
N THR B 103 5.89 11.86 -3.19
CA THR B 103 6.01 13.04 -2.33
C THR B 103 6.53 12.55 -0.98
N GLY B 104 6.56 13.45 0.00
CA GLY B 104 6.84 13.01 1.36
C GLY B 104 8.28 12.55 1.50
N GLY B 105 8.49 11.49 2.25
CA GLY B 105 9.88 11.08 2.31
C GLY B 105 10.39 10.17 1.21
N ASP B 106 9.67 10.04 0.08
CA ASP B 106 9.82 8.90 -0.83
C ASP B 106 10.39 9.31 -2.18
N PRO B 107 11.71 9.28 -2.36
CA PRO B 107 12.29 9.72 -3.63
C PRO B 107 11.92 8.77 -4.78
N GLY B 108 11.90 9.33 -5.99
CA GLY B 108 11.52 8.55 -7.15
C GLY B 108 12.62 7.67 -7.74
N TRP B 109 13.48 7.11 -6.87
CA TRP B 109 14.65 6.39 -7.34
C TRP B 109 14.30 5.07 -8.01
N ASP B 110 13.15 4.48 -7.70
CA ASP B 110 12.82 3.24 -8.38
C ASP B 110 12.31 3.47 -9.81
N GLY B 111 12.22 4.71 -10.28
CA GLY B 111 11.81 4.97 -11.65
C GLY B 111 10.31 4.99 -11.91
N ASN B 112 9.47 4.98 -10.86
CA ASN B 112 8.04 4.79 -11.03
C ASN B 112 7.19 6.03 -10.76
N GLY B 113 7.77 7.19 -10.45
CA GLY B 113 6.91 8.35 -10.28
C GLY B 113 7.68 9.58 -9.83
N GLY B 114 6.99 10.73 -9.94
CA GLY B 114 7.57 12.00 -9.54
C GLY B 114 6.49 13.05 -9.45
N THR B 115 6.89 14.22 -8.95
CA THR B 115 5.96 15.34 -8.78
C THR B 115 6.72 16.64 -9.01
N LEU B 116 5.96 17.66 -9.41
CA LEU B 116 6.48 19.00 -9.59
C LEU B 116 5.62 19.94 -8.76
N ARG B 117 6.18 20.48 -7.68
CA ARG B 117 5.44 21.39 -6.82
C ARG B 117 6.32 22.58 -6.45
N MET B 118 5.72 23.52 -5.74
CA MET B 118 6.43 24.69 -5.24
C MET B 118 6.25 24.80 -3.74
N MET B 119 7.30 25.26 -3.07
CA MET B 119 7.30 25.57 -1.65
C MET B 119 7.63 27.03 -1.44
N TRP B 120 7.31 27.53 -0.25
CA TRP B 120 7.98 28.73 0.25
C TRP B 120 8.88 28.31 1.41
N TYR B 121 9.85 29.17 1.70
CA TYR B 121 10.84 28.84 2.71
C TYR B 121 11.37 30.15 3.29
N GLN B 122 11.70 30.13 4.58
CA GLN B 122 12.36 31.26 5.22
C GLN B 122 13.68 30.78 5.81
N THR B 123 14.78 31.35 5.34
CA THR B 123 16.11 30.98 5.85
C THR B 123 16.31 31.49 7.27
N ASP B 124 17.37 30.98 7.89
CA ASP B 124 17.75 31.40 9.25
C ASP B 124 17.88 32.92 9.33
N ALA B 125 18.40 33.55 8.27
CA ALA B 125 18.64 34.98 8.32
C ALA B 125 17.41 35.80 7.95
N GLY B 126 16.33 35.20 7.47
CA GLY B 126 15.12 35.91 7.15
C GLY B 126 14.84 36.18 5.69
N ARG B 127 15.52 35.50 4.76
CA ARG B 127 15.13 35.58 3.36
C ARG B 127 13.98 34.62 3.10
N VAL B 128 12.91 35.12 2.45
CA VAL B 128 11.72 34.33 2.16
C VAL B 128 11.54 34.25 0.65
N PHE B 129 11.44 33.03 0.13
CA PHE B 129 11.36 32.87 -1.31
C PHE B 129 10.54 31.63 -1.65
N PHE B 130 10.06 31.61 -2.89
CA PHE B 130 9.55 30.40 -3.49
C PHE B 130 10.71 29.52 -3.95
N GLN B 131 10.51 28.19 -3.89
CA GLN B 131 11.52 27.31 -4.46
C GLN B 131 10.83 26.05 -4.98
N PRO B 132 11.36 25.45 -6.05
CA PRO B 132 10.78 24.20 -6.55
C PRO B 132 10.96 23.07 -5.54
N ALA B 133 10.02 22.13 -5.56
CA ALA B 133 10.20 20.84 -4.90
C ALA B 133 9.87 19.76 -5.94
N ILE B 134 10.91 19.11 -6.46
CA ILE B 134 10.77 18.18 -7.57
C ILE B 134 11.16 16.79 -7.10
N TYR B 135 10.21 15.87 -7.13
CA TYR B 135 10.52 14.45 -7.00
C TYR B 135 10.65 13.86 -8.41
N HIS B 136 11.71 13.08 -8.63
CA HIS B 136 11.94 12.49 -9.95
C HIS B 136 12.96 11.37 -9.78
N LYS B 137 13.25 10.70 -10.90
CA LYS B 137 14.14 9.56 -10.88
C LYS B 137 15.53 9.92 -10.33
N ASP B 138 16.00 11.16 -10.59
CA ASP B 138 17.37 11.50 -10.23
C ASP B 138 17.47 12.60 -9.18
N GLN B 139 16.49 12.71 -8.30
CA GLN B 139 16.62 13.65 -7.20
C GLN B 139 17.77 13.21 -6.28
N PRO B 140 18.57 14.15 -5.77
CA PRO B 140 19.71 13.75 -4.94
C PRO B 140 19.34 13.35 -3.51
N GLY B 141 18.19 13.79 -2.99
CA GLY B 141 17.79 13.52 -1.62
C GLY B 141 16.44 12.82 -1.52
N GLN B 142 16.07 12.52 -0.26
CA GLN B 142 14.78 11.88 -0.01
C GLN B 142 13.64 12.86 -0.22
N TYR B 143 13.87 14.15 -0.02
CA TYR B 143 12.83 15.15 -0.16
C TYR B 143 12.99 15.84 -1.51
N GLY B 144 12.11 16.82 -1.76
CA GLY B 144 12.05 17.41 -3.09
C GLY B 144 13.37 18.05 -3.51
N ASP B 145 13.68 17.90 -4.79
CA ASP B 145 14.83 18.56 -5.39
C ASP B 145 14.47 20.01 -5.71
N THR B 146 15.32 20.95 -5.25
CA THR B 146 15.09 22.35 -5.55
C THR B 146 15.77 22.81 -6.85
N PHE B 147 16.72 22.04 -7.36
CA PHE B 147 17.58 22.45 -8.47
C PHE B 147 18.37 23.72 -8.13
N GLY B 148 18.52 24.02 -6.84
CA GLY B 148 19.19 25.22 -6.38
C GLY B 148 18.49 26.51 -6.78
N LYS B 149 17.23 26.46 -7.16
CA LYS B 149 16.54 27.65 -7.64
C LYS B 149 15.77 28.34 -6.52
N SER B 150 15.54 29.63 -6.70
CA SER B 150 14.72 30.38 -5.76
C SER B 150 14.19 31.63 -6.46
N TYR B 151 12.97 32.04 -6.08
CA TYR B 151 12.37 33.26 -6.57
C TYR B 151 11.91 34.08 -5.38
N PRO B 152 12.31 35.36 -5.26
CA PRO B 152 13.30 35.98 -6.16
C PRO B 152 14.68 35.45 -5.82
N SER B 153 15.63 35.53 -6.75
CA SER B 153 16.95 34.94 -6.50
C SER B 153 17.73 35.71 -5.43
N SER B 154 17.42 36.99 -5.23
CA SER B 154 17.90 37.72 -4.08
C SER B 154 16.75 38.57 -3.57
N GLY B 155 16.81 38.92 -2.30
CA GLY B 155 15.66 39.52 -1.67
C GLY B 155 14.61 38.47 -1.36
N SER B 156 13.44 38.96 -0.96
CA SER B 156 12.35 38.14 -0.44
C SER B 156 11.06 38.43 -1.18
N ILE B 157 10.19 37.42 -1.27
CA ILE B 157 8.80 37.67 -1.62
C ILE B 157 8.19 38.48 -0.49
N THR B 158 7.00 39.04 -0.72
CA THR B 158 6.37 39.92 0.25
C THR B 158 4.93 39.47 0.49
N LYS B 159 4.43 39.76 1.70
CA LYS B 159 3.05 39.46 2.01
C LYS B 159 2.10 40.39 1.25
N GLY B 160 0.86 39.94 1.09
CA GLY B 160 -0.14 40.75 0.41
C GLY B 160 0.13 41.01 -1.05
N THR B 161 1.14 40.36 -1.66
CA THR B 161 1.51 40.55 -3.06
C THR B 161 1.05 39.35 -3.89
N THR B 162 0.40 39.64 -5.02
CA THR B 162 -0.08 38.60 -5.92
C THR B 162 1.06 38.12 -6.80
N TYR B 163 1.28 36.81 -6.84
CA TYR B 163 2.29 36.21 -7.71
C TYR B 163 1.60 35.35 -8.74
N HIS B 164 1.95 35.56 -10.00
CA HIS B 164 1.39 34.80 -11.12
C HIS B 164 2.37 33.67 -11.43
N VAL B 165 1.91 32.44 -11.26
CA VAL B 165 2.78 31.27 -11.40
C VAL B 165 2.37 30.51 -12.65
N HIS B 166 3.36 30.18 -13.47
CA HIS B 166 3.16 29.31 -14.61
C HIS B 166 3.95 28.02 -14.41
N VAL B 167 3.30 26.88 -14.64
CA VAL B 167 3.92 25.56 -14.53
C VAL B 167 3.75 24.81 -15.83
N TYR B 168 4.84 24.22 -16.33
CA TYR B 168 4.80 23.36 -17.51
C TYR B 168 5.55 22.06 -17.22
N ILE B 169 5.00 20.94 -17.69
CA ILE B 169 5.59 19.63 -17.43
C ILE B 169 5.48 18.77 -18.69
N LYS B 170 6.51 17.95 -18.92
CA LYS B 170 6.59 17.05 -20.07
C LYS B 170 7.15 15.71 -19.60
N SER B 171 6.47 14.61 -19.99
CA SER B 171 7.01 13.30 -19.67
C SER B 171 8.30 13.04 -20.43
N ASN B 172 9.17 12.26 -19.81
CA ASN B 172 10.33 11.71 -20.49
C ASN B 172 9.97 10.36 -21.08
N THR B 173 10.86 9.82 -21.92
CA THR B 173 10.69 8.51 -22.52
C THR B 173 11.73 7.53 -22.00
N GLY B 174 11.28 6.32 -21.67
CA GLY B 174 12.19 5.27 -21.24
C GLY B 174 13.09 5.76 -20.12
N SER B 175 14.39 5.50 -20.26
CA SER B 175 15.37 5.99 -19.31
C SER B 175 16.13 7.21 -19.82
N ASN B 176 15.56 7.93 -20.79
CA ASN B 176 16.12 9.17 -21.30
C ASN B 176 15.80 10.35 -20.39
N ARG B 177 16.71 11.33 -20.38
CA ARG B 177 16.44 12.60 -19.72
C ARG B 177 15.92 13.60 -20.75
N ASP B 178 14.74 13.29 -21.29
CA ASP B 178 14.12 14.17 -22.29
C ASP B 178 12.76 14.68 -21.83
N GLY B 179 12.43 14.56 -20.55
CA GLY B 179 11.27 15.22 -20.00
C GLY B 179 11.58 16.67 -19.70
N ARG B 180 10.61 17.36 -19.10
CA ARG B 180 10.80 18.77 -18.82
C ARG B 180 10.06 19.18 -17.55
N ALA B 181 10.65 20.15 -16.84
CA ALA B 181 10.04 20.82 -15.68
C ALA B 181 10.30 22.31 -15.83
N GLN B 182 9.27 23.13 -15.61
CA GLN B 182 9.43 24.57 -15.81
C GLN B 182 8.51 25.35 -14.90
N ILE B 183 9.05 26.39 -14.26
CA ILE B 183 8.29 27.26 -13.36
C ILE B 183 8.65 28.70 -13.70
N ILE B 184 7.63 29.51 -13.99
CA ILE B 184 7.78 30.94 -14.28
C ILE B 184 6.89 31.71 -13.31
N ILE B 185 7.47 32.66 -12.59
CA ILE B 185 6.74 33.47 -11.63
C ILE B 185 6.89 34.93 -12.01
N ASN B 186 5.76 35.59 -12.27
CA ASN B 186 5.72 37.00 -12.63
C ASN B 186 6.65 37.30 -13.80
N GLY B 187 6.63 36.42 -14.80
CA GLY B 187 7.43 36.58 -16.00
C GLY B 187 8.89 36.17 -15.86
N THR B 188 9.36 35.82 -14.67
CA THR B 188 10.73 35.38 -14.48
C THR B 188 10.78 33.86 -14.48
N THR B 189 11.69 33.29 -15.28
CA THR B 189 11.83 31.85 -15.33
C THR B 189 12.64 31.39 -14.13
N VAL B 190 11.98 30.70 -13.20
CA VAL B 190 12.67 30.18 -12.02
C VAL B 190 13.42 28.89 -12.36
N LEU B 191 12.73 27.98 -13.04
CA LEU B 191 13.30 26.70 -13.39
C LEU B 191 12.82 26.32 -14.77
N ASP B 192 13.74 25.83 -15.59
CA ASP B 192 13.38 25.33 -16.92
C ASP B 192 14.47 24.34 -17.29
N THR B 193 14.21 23.07 -17.08
CA THR B 193 15.26 22.07 -17.15
C THR B 193 14.75 20.81 -17.78
N ALA B 194 15.64 20.12 -18.49
CA ALA B 194 15.38 18.73 -18.83
C ALA B 194 15.40 17.89 -17.56
N ILE B 195 14.69 16.77 -17.60
CA ILE B 195 14.50 15.96 -16.40
C ILE B 195 14.09 14.57 -16.81
N ARG B 196 14.39 13.61 -15.95
CA ARG B 196 13.96 12.23 -16.10
C ARG B 196 13.00 11.96 -14.96
N TRP B 197 11.69 11.97 -15.26
CA TRP B 197 10.70 11.71 -14.22
C TRP B 197 10.72 10.25 -13.79
N THR B 198 10.84 9.36 -14.76
CA THR B 198 10.60 7.94 -14.59
C THR B 198 11.61 7.18 -15.43
N THR B 199 11.71 5.86 -15.19
CA THR B 199 12.29 4.94 -16.15
C THR B 199 11.32 3.85 -16.56
N ASN B 200 10.16 3.77 -15.93
CA ASN B 200 9.15 2.76 -16.21
C ASN B 200 8.07 3.41 -17.07
N ASP B 201 8.00 3.00 -18.35
CA ASP B 201 7.06 3.60 -19.31
C ASP B 201 5.61 3.32 -18.96
N ALA B 202 5.32 2.31 -18.16
CA ALA B 202 3.95 2.18 -17.67
C ALA B 202 3.58 3.26 -16.65
N GLN B 203 4.54 4.07 -16.17
CA GLN B 203 4.31 5.13 -15.18
C GLN B 203 4.71 6.52 -15.65
N ARG B 204 4.97 6.73 -16.93
CA ARG B 204 5.58 7.97 -17.39
C ARG B 204 4.59 9.12 -17.56
N LEU B 205 3.29 8.88 -17.38
CA LEU B 205 2.29 9.87 -17.74
C LEU B 205 1.91 10.77 -16.58
N ILE B 206 1.62 12.03 -16.90
CA ILE B 206 1.02 12.96 -15.97
C ILE B 206 -0.38 12.46 -15.62
N LYS B 207 -0.64 12.26 -14.32
CA LYS B 207 -1.90 11.67 -13.91
C LYS B 207 -2.81 12.62 -13.14
N ASN B 208 -2.26 13.61 -12.45
CA ASN B 208 -3.13 14.52 -11.71
C ASN B 208 -2.46 15.87 -11.52
N MET B 209 -3.27 16.84 -11.14
CA MET B 209 -2.81 18.14 -10.70
C MET B 209 -2.84 18.17 -9.17
N THR B 210 -1.71 18.49 -8.56
CA THR B 210 -1.65 18.60 -7.11
C THR B 210 -2.13 19.99 -6.66
N PHE B 211 -2.98 20.03 -5.64
CA PHE B 211 -3.30 21.28 -4.96
C PHE B 211 -2.95 21.11 -3.49
N HIS B 212 -1.73 21.46 -3.12
CA HIS B 212 -1.20 21.18 -1.79
C HIS B 212 -0.82 22.50 -1.13
N THR B 213 -1.47 22.78 -0.01
CA THR B 213 -1.19 23.97 0.78
C THR B 213 -1.03 23.47 2.20
N PHE B 214 0.18 23.57 2.75
CA PHE B 214 0.41 23.15 4.12
C PHE B 214 1.71 23.75 4.61
N ARG B 215 1.88 23.70 5.93
CA ARG B 215 3.14 24.07 6.55
C ARG B 215 4.02 22.84 6.75
N GLY B 216 5.34 23.07 6.80
CA GLY B 216 6.32 22.00 6.95
C GLY B 216 6.81 21.47 5.62
N GLY B 217 7.79 20.56 5.68
CA GLY B 217 8.44 20.15 6.92
C GLY B 217 7.72 19.17 7.81
N SER B 218 8.46 18.61 8.77
CA SER B 218 7.87 17.73 9.77
C SER B 218 8.31 18.04 11.19
N GLN B 219 9.17 19.04 11.39
CA GLN B 219 9.64 19.46 12.71
C GLN B 219 8.74 20.55 13.27
N THR B 220 8.67 20.66 14.59
CA THR B 220 7.66 21.54 15.16
C THR B 220 7.90 23.01 14.84
N TYR B 221 9.16 23.41 14.60
CA TYR B 221 9.39 24.84 14.35
C TYR B 221 8.84 25.31 13.01
N TRP B 222 8.34 24.42 12.14
CA TRP B 222 7.61 24.84 10.94
C TRP B 222 6.19 25.30 11.24
N GLN B 223 5.67 25.06 12.44
CA GLN B 223 4.30 25.40 12.76
C GLN B 223 4.17 26.91 13.00
N SER B 224 2.92 27.33 13.14
CA SER B 224 2.58 28.69 13.53
C SER B 224 1.50 28.62 14.60
N PRO B 225 1.50 29.53 15.57
CA PRO B 225 0.47 29.52 16.61
C PRO B 225 -0.85 30.17 16.21
N VAL B 226 -0.95 30.74 15.00
CA VAL B 226 -2.18 31.40 14.53
C VAL B 226 -2.65 30.72 13.25
N ASP B 227 -3.97 30.59 13.10
CA ASP B 227 -4.52 30.21 11.80
C ASP B 227 -4.04 31.22 10.76
N SER B 228 -3.64 30.72 9.60
CA SER B 228 -3.05 31.57 8.58
C SER B 228 -3.71 31.31 7.23
N TYR B 229 -3.67 32.30 6.35
CA TYR B 229 -4.47 32.26 5.13
C TYR B 229 -3.63 32.55 3.90
N ILE B 230 -3.86 31.76 2.87
CA ILE B 230 -3.29 31.94 1.54
C ILE B 230 -4.43 31.99 0.54
N TYR B 231 -4.30 32.86 -0.45
CA TYR B 231 -5.38 33.18 -1.38
C TYR B 231 -4.97 32.81 -2.79
N TYR B 232 -5.84 32.07 -3.48
CA TYR B 232 -5.61 31.61 -4.84
C TYR B 232 -6.64 32.20 -5.79
N ASP B 233 -6.25 32.36 -7.06
CA ASP B 233 -7.20 32.86 -8.05
C ASP B 233 -6.76 32.49 -9.47
N ASN B 234 -7.70 32.61 -10.40
CA ASN B 234 -7.43 32.53 -11.85
C ASN B 234 -6.62 31.29 -12.22
N LEU B 235 -7.14 30.12 -11.84
CA LEU B 235 -6.49 28.88 -12.24
C LEU B 235 -6.88 28.54 -13.69
N VAL B 236 -5.88 28.32 -14.53
CA VAL B 236 -6.09 27.85 -15.90
C VAL B 236 -5.22 26.62 -16.08
N LEU B 237 -5.86 25.48 -16.33
CA LEU B 237 -5.19 24.21 -16.58
C LEU B 237 -5.45 23.77 -18.01
N ARG B 238 -4.40 23.38 -18.72
CA ARG B 238 -4.53 22.93 -20.10
C ARG B 238 -3.65 21.73 -20.38
N LYS B 239 -4.27 20.60 -20.74
CA LYS B 239 -3.55 19.48 -21.34
C LYS B 239 -3.05 19.85 -22.72
N ILE B 240 -1.78 19.56 -23.00
CA ILE B 240 -1.17 19.94 -24.26
C ILE B 240 -1.09 18.76 -25.23
N ARG B 241 -0.70 17.58 -24.75
CA ARG B 241 -0.47 16.46 -25.65
C ARG B 241 -0.49 15.15 -24.88
N LEU B 242 -0.89 14.07 -25.56
CA LEU B 242 -0.74 12.71 -25.07
C LEU B 242 -0.11 11.87 -26.17
N GLU B 243 1.16 11.53 -26.01
CA GLU B 243 1.90 10.68 -26.94
C GLU B 243 2.42 9.48 -26.15
N HIS B 244 1.77 8.33 -26.31
CA HIS B 244 2.05 7.15 -25.49
C HIS B 244 1.60 5.88 -26.17
N ALA C 1 23.41 -31.45 19.06
CA ALA C 1 23.30 -30.04 19.37
C ALA C 1 22.28 -29.37 18.46
N ILE C 2 21.58 -28.42 19.05
CA ILE C 2 20.59 -27.60 18.36
C ILE C 2 21.22 -26.20 18.37
N PRO C 3 21.94 -25.81 17.33
CA PRO C 3 22.77 -24.61 17.41
C PRO C 3 21.96 -23.33 17.32
N SER C 4 22.51 -22.28 17.91
CA SER C 4 22.03 -20.92 17.68
C SER C 4 22.93 -20.14 16.74
N SER C 5 24.13 -20.65 16.46
CA SER C 5 25.07 -20.02 15.55
C SER C 5 25.85 -21.13 14.88
N LEU C 6 26.26 -20.87 13.63
CA LEU C 6 27.06 -21.82 12.88
C LEU C 6 28.00 -21.05 11.98
N SER C 7 29.18 -21.64 11.75
CA SER C 7 30.13 -21.07 10.79
C SER C 7 30.88 -22.23 10.17
N ILE C 8 30.48 -22.63 8.96
CA ILE C 8 31.03 -23.79 8.30
C ILE C 8 31.64 -23.33 6.99
N ASN C 9 32.93 -23.62 6.79
CA ASN C 9 33.55 -23.34 5.51
C ASN C 9 34.06 -24.59 4.78
N TRP C 10 33.99 -25.76 5.41
CA TRP C 10 34.41 -27.02 4.79
C TRP C 10 35.90 -27.01 4.39
N ASN C 11 36.69 -26.07 4.88
CA ASN C 11 38.10 -26.01 4.51
C ASN C 11 38.90 -27.17 5.07
N ASN C 12 38.53 -27.67 6.26
CA ASN C 12 39.25 -28.76 6.92
C ASN C 12 38.90 -30.14 6.38
N TYR C 13 38.16 -30.24 5.29
CA TYR C 13 37.86 -31.52 4.68
C TYR C 13 38.73 -31.75 3.45
N ALA C 14 39.18 -32.97 3.27
CA ALA C 14 39.79 -33.34 2.01
C ALA C 14 38.71 -33.54 0.94
N THR C 15 39.12 -33.48 -0.33
CA THR C 15 38.20 -33.70 -1.43
C THR C 15 37.75 -35.16 -1.43
N GLY C 16 36.45 -35.38 -1.56
CA GLY C 16 35.87 -36.70 -1.45
C GLY C 16 34.52 -36.64 -0.75
N ALA C 17 34.05 -37.80 -0.28
CA ALA C 17 32.70 -37.96 0.21
C ALA C 17 32.43 -37.06 1.43
N TYR C 18 31.15 -36.77 1.64
CA TYR C 18 30.69 -36.00 2.79
C TYR C 18 29.53 -36.79 3.39
N SER C 19 29.81 -37.45 4.51
CA SER C 19 28.85 -38.34 5.14
C SER C 19 27.75 -37.56 5.84
N SER C 20 26.63 -38.23 6.09
CA SER C 20 25.60 -37.65 6.96
C SER C 20 26.14 -37.41 8.36
N GLY C 21 27.11 -38.21 8.78
CA GLY C 21 27.78 -37.94 10.05
C GLY C 21 28.58 -36.65 10.00
N ASN C 22 29.37 -36.46 8.93
CA ASN C 22 30.02 -35.18 8.69
C ASN C 22 29.02 -34.03 8.80
N ALA C 23 27.85 -34.19 8.16
CA ALA C 23 26.84 -33.13 8.19
C ALA C 23 26.40 -32.86 9.62
N ALA C 24 26.09 -33.92 10.37
CA ALA C 24 25.67 -33.74 11.76
C ALA C 24 26.77 -33.10 12.59
N SER C 25 28.05 -33.41 12.32
CA SER C 25 29.13 -32.77 13.06
C SER C 25 29.10 -31.27 12.83
N ASP C 26 29.10 -30.84 11.56
CA ASP C 26 29.25 -29.42 11.27
C ASP C 26 28.00 -28.64 11.61
N PHE C 27 26.82 -29.22 11.37
CA PHE C 27 25.56 -28.50 11.59
C PHE C 27 24.98 -28.72 12.99
N GLY C 28 25.49 -29.68 13.74
CA GLY C 28 24.89 -30.04 15.03
C GLY C 28 23.84 -31.11 14.87
N ASN C 29 22.94 -30.93 13.89
CA ASN C 29 21.97 -31.94 13.52
C ASN C 29 21.67 -31.77 12.04
N ALA C 30 21.28 -32.87 11.39
CA ALA C 30 21.09 -32.85 9.94
C ALA C 30 20.18 -33.98 9.49
N GLY C 31 18.91 -33.93 9.89
CA GLY C 31 17.98 -35.00 9.53
C GLY C 31 17.58 -34.93 8.07
N GLY C 32 17.36 -36.10 7.49
CA GLY C 32 16.97 -36.20 6.09
C GLY C 32 18.12 -36.12 5.11
N TRP C 33 19.34 -35.88 5.59
CA TRP C 33 20.51 -35.81 4.72
C TRP C 33 20.67 -37.08 3.92
N ASN C 34 20.90 -36.93 2.62
CA ASN C 34 21.19 -38.05 1.72
C ASN C 34 22.64 -37.93 1.29
N GLN C 35 23.52 -38.65 2.00
CA GLN C 35 24.96 -38.43 1.84
C GLN C 35 25.48 -38.87 0.48
N SER C 36 24.68 -39.57 -0.32
CA SER C 36 25.13 -39.88 -1.66
C SER C 36 24.97 -38.69 -2.61
N ARG C 37 24.36 -37.59 -2.16
CA ARG C 37 24.24 -36.39 -2.97
C ARG C 37 25.12 -35.24 -2.46
N SER C 38 25.95 -35.47 -1.45
CA SER C 38 26.80 -34.45 -0.89
C SER C 38 28.24 -34.89 -1.01
N TYR C 39 29.14 -33.91 -1.16
CA TYR C 39 30.51 -34.19 -1.56
C TYR C 39 31.31 -32.92 -1.39
N ILE C 40 32.54 -33.04 -0.92
CA ILE C 40 33.41 -31.88 -0.73
C ILE C 40 34.31 -31.75 -1.95
N SER C 41 34.20 -30.63 -2.65
CA SER C 41 35.02 -30.38 -3.83
C SER C 41 35.80 -29.10 -3.56
N ASP C 42 37.10 -29.25 -3.32
CA ASP C 42 38.01 -28.12 -3.12
C ASP C 42 37.48 -27.17 -2.05
N GLY C 43 37.21 -27.75 -0.87
CA GLY C 43 36.76 -26.98 0.26
C GLY C 43 35.43 -26.30 0.08
N THR C 44 34.59 -26.82 -0.80
CA THR C 44 33.23 -26.35 -0.99
C THR C 44 32.30 -27.56 -0.95
N LEU C 45 31.08 -27.33 -0.49
CA LEU C 45 30.08 -28.41 -0.43
C LEU C 45 29.37 -28.51 -1.78
N ARG C 46 29.53 -29.65 -2.44
CA ARG C 46 28.91 -29.89 -3.73
C ARG C 46 27.69 -30.79 -3.54
N VAL C 47 26.55 -30.34 -4.07
CA VAL C 47 25.33 -31.11 -4.03
C VAL C 47 25.03 -31.63 -5.43
N THR C 48 24.66 -32.90 -5.51
CA THR C 48 24.30 -33.54 -6.76
C THR C 48 22.79 -33.52 -6.93
N LEU C 49 22.32 -33.04 -8.09
CA LEU C 49 20.92 -33.16 -8.49
C LEU C 49 20.85 -34.27 -9.55
N LEU C 50 20.24 -35.39 -9.18
CA LEU C 50 20.17 -36.56 -10.04
C LEU C 50 19.40 -36.25 -11.32
N LYS C 51 19.85 -36.87 -12.41
CA LYS C 51 19.13 -36.80 -13.67
C LYS C 51 17.77 -37.48 -13.58
N ASN C 52 16.84 -37.01 -14.41
CA ASN C 52 15.54 -37.64 -14.61
C ASN C 52 14.78 -37.78 -13.30
N ALA C 53 14.82 -36.74 -12.49
CA ALA C 53 14.22 -36.82 -11.16
C ALA C 53 13.96 -35.41 -10.66
N LEU C 54 12.96 -35.30 -9.79
CA LEU C 54 12.58 -34.02 -9.20
C LEU C 54 12.66 -34.11 -7.68
N SER C 55 12.68 -32.92 -7.05
CA SER C 55 12.70 -32.70 -5.61
C SER C 55 13.46 -33.76 -4.81
N GLY C 56 12.80 -34.32 -3.80
CA GLY C 56 13.49 -35.20 -2.86
C GLY C 56 14.14 -36.41 -3.52
N ALA C 57 13.50 -36.94 -4.58
CA ALA C 57 14.08 -38.10 -5.24
C ALA C 57 15.38 -37.76 -5.95
N GLY C 58 15.61 -36.49 -6.31
CA GLY C 58 16.81 -36.18 -7.03
C GLY C 58 17.82 -35.36 -6.25
N GLY C 59 17.38 -34.74 -5.16
CA GLY C 59 18.18 -33.71 -4.52
C GLY C 59 18.55 -33.95 -3.07
N LEU C 60 18.77 -32.86 -2.34
CA LEU C 60 19.21 -32.90 -0.95
C LEU C 60 18.32 -31.98 -0.15
N ILE C 61 17.52 -32.56 0.74
CA ILE C 61 16.54 -31.82 1.52
C ILE C 61 16.77 -32.18 2.99
N SER C 62 17.15 -31.18 3.78
CA SER C 62 17.48 -31.44 5.16
C SER C 62 17.14 -30.20 5.95
N ASN C 63 16.54 -30.40 7.11
CA ASN C 63 16.21 -29.30 8.00
C ASN C 63 17.11 -29.39 9.22
N ILE C 64 17.81 -28.30 9.52
CA ILE C 64 18.72 -28.24 10.64
C ILE C 64 17.98 -27.52 11.75
N ASP C 65 17.59 -28.29 12.77
CA ASP C 65 16.89 -27.70 13.90
C ASP C 65 17.82 -26.71 14.58
N VAL C 66 17.31 -25.51 14.85
CA VAL C 66 18.07 -24.44 15.48
C VAL C 66 17.32 -23.99 16.72
N SER C 67 18.05 -23.28 17.57
CA SER C 67 17.45 -22.76 18.80
C SER C 67 16.38 -21.74 18.43
N ASP C 68 15.20 -21.89 19.05
CA ASP C 68 14.07 -21.02 18.73
C ASP C 68 14.45 -19.55 18.78
N GLY C 69 13.95 -18.78 17.82
CA GLY C 69 14.17 -17.36 17.82
C GLY C 69 13.01 -16.63 17.18
N THR C 70 13.02 -15.31 17.36
CA THR C 70 12.14 -14.41 16.63
C THR C 70 12.88 -13.59 15.58
N GLU C 71 14.21 -13.55 15.60
CA GLU C 71 14.99 -12.92 14.55
C GLU C 71 16.21 -13.76 14.27
N TYR C 72 16.54 -13.92 13.00
CA TYR C 72 17.62 -14.79 12.57
C TYR C 72 18.20 -14.27 11.25
N GLU C 73 19.46 -14.61 11.02
CA GLU C 73 20.13 -14.23 9.78
C GLU C 73 21.10 -15.33 9.38
N LEU C 74 21.33 -15.44 8.07
CA LEU C 74 22.36 -16.36 7.58
C LEU C 74 22.99 -15.79 6.32
N ASP C 75 24.20 -16.24 6.04
CA ASP C 75 24.93 -15.85 4.84
C ASP C 75 25.56 -17.11 4.27
N TYR C 76 25.69 -17.13 2.95
CA TYR C 76 26.35 -18.23 2.28
C TYR C 76 26.68 -17.84 0.85
N ASP C 77 27.62 -18.57 0.26
CA ASP C 77 27.97 -18.44 -1.15
C ASP C 77 27.43 -19.63 -1.90
N VAL C 78 26.91 -19.41 -3.10
CA VAL C 78 26.40 -20.49 -3.94
C VAL C 78 26.87 -20.25 -5.36
N ARG C 79 27.21 -21.34 -6.05
CA ARG C 79 27.73 -21.29 -7.40
C ARG C 79 27.23 -22.49 -8.18
N PHE C 80 26.54 -22.24 -9.28
CA PHE C 80 26.14 -23.32 -10.18
C PHE C 80 27.34 -23.76 -11.01
N HIS C 81 27.40 -25.07 -11.30
CA HIS C 81 28.43 -25.59 -12.18
C HIS C 81 28.51 -24.76 -13.45
N SER C 82 29.71 -24.60 -14.00
CA SER C 82 29.87 -23.74 -15.17
C SER C 82 29.18 -24.32 -16.41
N GLN C 83 28.88 -25.63 -16.42
CA GLN C 83 28.13 -26.30 -17.48
C GLN C 83 26.72 -26.66 -17.03
N PHE C 84 26.24 -26.06 -15.94
CA PHE C 84 24.96 -26.45 -15.36
C PHE C 84 23.83 -26.36 -16.38
N ASP C 85 22.92 -27.34 -16.33
CA ASP C 85 21.72 -27.31 -17.14
C ASP C 85 20.64 -26.61 -16.33
N TRP C 86 20.41 -25.33 -16.63
CA TRP C 86 19.39 -24.55 -15.93
C TRP C 86 18.07 -25.32 -15.82
N SER C 87 17.58 -25.83 -16.94
CA SER C 87 16.23 -26.41 -17.06
C SER C 87 15.23 -25.37 -16.52
N ARG C 88 14.07 -25.80 -16.03
CA ARG C 88 13.01 -24.88 -15.63
C ARG C 88 13.29 -24.19 -14.28
N GLY C 89 13.99 -24.83 -13.35
CA GLY C 89 14.29 -24.21 -12.07
C GLY C 89 14.27 -25.21 -10.93
N GLY C 90 14.35 -24.68 -9.71
CA GLY C 90 14.28 -25.51 -8.51
C GLY C 90 14.63 -24.69 -7.27
N ALA C 91 14.95 -25.41 -6.19
CA ALA C 91 15.27 -24.84 -4.89
C ALA C 91 16.77 -24.86 -4.63
N VAL C 92 17.27 -23.83 -3.96
CA VAL C 92 18.71 -23.65 -3.78
C VAL C 92 18.98 -22.89 -2.49
N GLY C 93 19.99 -23.33 -1.76
CA GLY C 93 20.54 -22.54 -0.66
C GLY C 93 19.92 -22.83 0.70
N PHE C 94 20.16 -21.88 1.62
CA PHE C 94 19.81 -22.02 3.02
C PHE C 94 18.72 -21.01 3.38
N GLY C 95 17.67 -21.48 4.06
CA GLY C 95 16.57 -20.62 4.45
C GLY C 95 16.07 -20.89 5.86
N PHE C 96 14.83 -20.49 6.17
CA PHE C 96 14.31 -20.66 7.52
C PHE C 96 12.87 -21.18 7.48
N SER C 97 12.50 -21.93 8.52
CA SER C 97 11.14 -22.40 8.75
C SER C 97 10.58 -21.76 10.01
N ILE C 98 9.32 -21.34 9.96
CA ILE C 98 8.63 -20.82 11.13
C ILE C 98 7.45 -21.72 11.43
N GLY C 99 7.25 -22.04 12.71
CA GLY C 99 6.14 -22.93 13.08
C GLY C 99 6.23 -24.26 12.37
N GLU C 100 5.14 -24.66 11.72
CA GLU C 100 5.11 -25.93 11.02
C GLU C 100 5.91 -25.91 9.73
N GLY C 101 6.41 -24.76 9.30
CA GLY C 101 7.32 -24.66 8.19
C GLY C 101 6.77 -25.12 6.86
N ASN C 102 5.61 -24.57 6.49
CA ASN C 102 4.88 -25.00 5.30
C ASN C 102 5.75 -24.94 4.03
N THR C 103 5.69 -26.01 3.24
CA THR C 103 6.35 -26.10 1.95
C THR C 103 5.48 -26.94 1.02
N GLY C 104 5.95 -27.08 -0.21
CA GLY C 104 5.45 -28.06 -1.16
C GLY C 104 3.98 -28.03 -1.48
N GLY C 105 3.43 -26.86 -1.76
CA GLY C 105 2.02 -26.75 -2.07
C GLY C 105 1.09 -26.79 -0.89
N ASP C 106 1.61 -26.64 0.32
CA ASP C 106 0.80 -26.62 1.53
C ASP C 106 0.81 -25.18 2.05
N PRO C 107 -0.08 -24.31 1.58
CA PRO C 107 0.04 -22.89 1.91
C PRO C 107 -0.18 -22.61 3.40
N GLY C 108 0.38 -21.50 3.86
CA GLY C 108 0.32 -21.19 5.27
C GLY C 108 -0.98 -20.54 5.71
N TRP C 109 -2.05 -20.74 4.93
CA TRP C 109 -3.32 -20.02 5.15
C TRP C 109 -3.90 -20.28 6.54
N ASP C 110 -3.61 -21.45 7.14
CA ASP C 110 -4.19 -21.74 8.44
C ASP C 110 -3.57 -20.92 9.56
N GLY C 111 -2.50 -20.18 9.29
CA GLY C 111 -1.85 -19.39 10.32
C GLY C 111 -0.81 -20.12 11.16
N ASN C 112 -0.42 -21.34 10.78
CA ASN C 112 0.40 -22.17 11.65
C ASN C 112 1.84 -22.36 11.17
N GLY C 113 2.28 -21.67 10.12
CA GLY C 113 3.67 -21.79 9.74
C GLY C 113 3.96 -21.27 8.34
N GLY C 114 5.25 -21.15 8.08
CA GLY C 114 5.72 -20.67 6.78
C GLY C 114 7.21 -20.90 6.63
N THR C 115 7.71 -20.53 5.45
CA THR C 115 9.13 -20.71 5.16
C THR C 115 9.64 -19.56 4.29
N LEU C 116 10.94 -19.35 4.39
CA LEU C 116 11.66 -18.39 3.56
C LEU C 116 12.76 -19.16 2.85
N ARG C 117 12.63 -19.31 1.55
CA ARG C 117 13.61 -20.05 0.75
C ARG C 117 13.81 -19.33 -0.56
N MET C 118 14.83 -19.73 -1.29
CA MET C 118 15.12 -19.15 -2.60
C MET C 118 15.04 -20.22 -3.68
N MET C 119 14.58 -19.81 -4.86
CA MET C 119 14.53 -20.65 -6.04
C MET C 119 15.37 -20.04 -7.15
N TRP C 120 15.72 -20.86 -8.13
CA TRP C 120 16.08 -20.35 -9.44
C TRP C 120 15.00 -20.75 -10.45
N TYR C 121 14.93 -19.99 -11.55
CA TYR C 121 13.84 -20.16 -12.50
C TYR C 121 14.26 -19.63 -13.87
N GLN C 122 13.82 -20.33 -14.91
CA GLN C 122 14.07 -19.92 -16.29
C GLN C 122 12.74 -19.68 -16.98
N THR C 123 12.51 -18.45 -17.46
CA THR C 123 11.27 -18.15 -18.14
C THR C 123 11.23 -18.84 -19.51
N ASP C 124 10.05 -18.78 -20.13
CA ASP C 124 9.87 -19.31 -21.49
C ASP C 124 10.84 -18.67 -22.46
N ALA C 125 11.17 -17.38 -22.24
CA ALA C 125 12.09 -16.66 -23.11
C ALA C 125 13.54 -16.94 -22.77
N GLY C 126 13.80 -17.59 -21.64
CA GLY C 126 15.15 -17.96 -21.28
C GLY C 126 15.86 -17.00 -20.37
N ARG C 127 15.13 -16.14 -19.68
CA ARG C 127 15.75 -15.37 -18.60
C ARG C 127 15.82 -16.25 -17.36
N VAL C 128 17.02 -16.32 -16.77
CA VAL C 128 17.30 -17.14 -15.59
C VAL C 128 17.56 -16.22 -14.42
N PHE C 129 16.91 -16.47 -13.29
CA PHE C 129 17.12 -15.61 -12.13
C PHE C 129 16.83 -16.36 -10.84
N PHE C 130 17.30 -15.78 -9.74
CA PHE C 130 16.84 -16.16 -8.41
C PHE C 130 15.52 -15.48 -8.11
N GLN C 131 14.67 -16.15 -7.34
CA GLN C 131 13.46 -15.52 -6.87
C GLN C 131 13.10 -16.08 -5.49
N PRO C 132 12.37 -15.30 -4.68
CA PRO C 132 11.96 -15.82 -3.38
C PRO C 132 10.87 -16.86 -3.52
N ALA C 133 10.82 -17.78 -2.55
CA ALA C 133 9.71 -18.71 -2.39
C ALA C 133 9.26 -18.62 -0.94
N ILE C 134 8.23 -17.82 -0.70
CA ILE C 134 7.80 -17.49 0.66
C ILE C 134 6.44 -18.14 0.92
N TYR C 135 6.38 -19.04 1.91
CA TYR C 135 5.11 -19.51 2.44
C TYR C 135 4.78 -18.69 3.69
N HIS C 136 3.55 -18.19 3.75
CA HIS C 136 3.12 -17.35 4.87
C HIS C 136 1.59 -17.31 4.91
N LYS C 137 1.06 -16.58 5.88
CA LYS C 137 -0.38 -16.53 6.13
C LYS C 137 -1.14 -16.07 4.89
N ASP C 138 -0.61 -15.08 4.19
CA ASP C 138 -1.36 -14.42 3.14
C ASP C 138 -0.80 -14.70 1.75
N GLN C 139 -0.07 -15.80 1.57
CA GLN C 139 0.46 -16.11 0.25
C GLN C 139 -0.69 -16.27 -0.74
N PRO C 140 -0.58 -15.69 -1.94
CA PRO C 140 -1.71 -15.67 -2.86
C PRO C 140 -1.99 -17.00 -3.52
N GLY C 141 -0.99 -17.88 -3.63
CA GLY C 141 -1.13 -19.14 -4.31
C GLY C 141 -0.83 -20.33 -3.40
N GLN C 142 -1.01 -21.51 -3.98
CA GLN C 142 -0.76 -22.77 -3.28
C GLN C 142 0.73 -22.97 -3.01
N TYR C 143 1.60 -22.44 -3.87
CA TYR C 143 3.03 -22.60 -3.74
C TYR C 143 3.67 -21.29 -3.29
N GLY C 144 5.01 -21.26 -3.30
CA GLY C 144 5.74 -20.15 -2.68
C GLY C 144 5.40 -18.82 -3.34
N ASP C 145 5.26 -17.79 -2.52
CA ASP C 145 5.06 -16.41 -2.97
C ASP C 145 6.41 -15.82 -3.40
N THR C 146 6.46 -15.20 -4.57
CA THR C 146 7.68 -14.55 -5.02
C THR C 146 7.73 -13.07 -4.68
N PHE C 147 6.62 -12.49 -4.26
CA PHE C 147 6.51 -11.03 -4.10
C PHE C 147 6.93 -10.30 -5.37
N GLY C 148 6.84 -10.98 -6.52
CA GLY C 148 7.22 -10.42 -7.81
C GLY C 148 8.70 -10.07 -7.95
N LYS C 149 9.56 -10.59 -7.09
CA LYS C 149 10.97 -10.21 -7.10
C LYS C 149 11.78 -11.21 -7.90
N SER C 150 12.90 -10.74 -8.44
CA SER C 150 13.84 -11.59 -9.15
C SER C 150 15.21 -10.96 -9.10
N TYR C 151 16.24 -11.81 -9.05
CA TYR C 151 17.60 -11.32 -9.13
C TYR C 151 18.34 -12.09 -10.21
N PRO C 152 18.95 -11.41 -11.19
CA PRO C 152 18.88 -9.94 -11.26
C PRO C 152 17.52 -9.49 -11.77
N SER C 153 17.16 -8.24 -11.50
CA SER C 153 15.87 -7.72 -11.91
C SER C 153 15.72 -7.69 -13.42
N SER C 154 16.83 -7.52 -14.14
CA SER C 154 16.86 -7.69 -15.58
C SER C 154 18.14 -8.44 -15.93
N GLY C 155 18.14 -9.08 -17.10
CA GLY C 155 19.22 -9.99 -17.42
C GLY C 155 19.13 -11.30 -16.65
N SER C 156 20.22 -12.06 -16.69
CA SER C 156 20.25 -13.39 -16.10
C SER C 156 21.44 -13.56 -15.15
N ILE C 157 21.28 -14.49 -14.20
CA ILE C 157 22.43 -15.00 -13.47
C ILE C 157 23.30 -15.82 -14.43
N THR C 158 24.51 -16.17 -13.99
CA THR C 158 25.50 -16.79 -14.87
C THR C 158 26.01 -18.07 -14.25
N LYS C 159 26.12 -19.12 -15.08
CA LYS C 159 26.75 -20.35 -14.65
C LYS C 159 28.19 -20.08 -14.22
N GLY C 160 28.59 -20.70 -13.10
CA GLY C 160 29.95 -20.59 -12.62
C GLY C 160 30.26 -19.34 -11.81
N THR C 161 29.34 -18.38 -11.74
CA THR C 161 29.53 -17.17 -10.96
C THR C 161 29.09 -17.39 -9.51
N THR C 162 29.91 -16.90 -8.58
CA THR C 162 29.61 -17.06 -7.16
C THR C 162 28.64 -15.98 -6.70
N TYR C 163 27.53 -16.41 -6.10
CA TYR C 163 26.50 -15.51 -5.58
C TYR C 163 26.49 -15.58 -4.06
N HIS C 164 26.60 -14.42 -3.41
CA HIS C 164 26.58 -14.34 -1.96
C HIS C 164 25.18 -13.94 -1.51
N VAL C 165 24.56 -14.81 -0.72
CA VAL C 165 23.18 -14.63 -0.30
C VAL C 165 23.18 -14.28 1.18
N HIS C 166 22.42 -13.25 1.54
CA HIS C 166 22.12 -12.93 2.92
C HIS C 166 20.62 -13.00 3.12
N VAL C 167 20.20 -13.77 4.12
CA VAL C 167 18.79 -13.98 4.43
C VAL C 167 18.53 -13.50 5.84
N TYR C 168 17.43 -12.78 6.04
CA TYR C 168 17.05 -12.30 7.36
C TYR C 168 15.56 -12.56 7.58
N ILE C 169 15.22 -13.03 8.77
CA ILE C 169 13.83 -13.35 9.08
C ILE C 169 13.47 -12.81 10.46
N LYS C 170 12.29 -12.20 10.56
CA LYS C 170 11.74 -11.78 11.84
C LYS C 170 10.32 -12.30 11.98
N SER C 171 10.04 -13.01 13.07
CA SER C 171 8.69 -13.44 13.41
C SER C 171 7.74 -12.26 13.52
N ASN C 172 6.50 -12.47 13.12
CA ASN C 172 5.46 -11.49 13.41
C ASN C 172 4.79 -11.82 14.74
N THR C 173 3.97 -10.90 15.24
CA THR C 173 3.17 -11.13 16.44
C THR C 173 1.68 -11.14 16.10
N GLY C 174 0.95 -12.07 16.73
CA GLY C 174 -0.49 -12.16 16.53
C GLY C 174 -0.89 -12.15 15.05
N SER C 175 -1.86 -11.29 14.73
CA SER C 175 -2.30 -11.08 13.36
C SER C 175 -1.77 -9.78 12.80
N ASN C 176 -0.69 -9.27 13.36
CA ASN C 176 -0.02 -8.09 12.82
C ASN C 176 0.90 -8.49 11.68
N ARG C 177 1.05 -7.55 10.74
CA ARG C 177 2.01 -7.64 9.65
C ARG C 177 3.31 -6.95 10.04
N ASP C 178 3.91 -7.46 11.11
CA ASP C 178 5.13 -6.88 11.66
C ASP C 178 6.30 -7.86 11.64
N GLY C 179 6.15 -9.00 10.97
CA GLY C 179 7.29 -9.83 10.66
C GLY C 179 8.11 -9.26 9.51
N ARG C 180 9.17 -9.97 9.15
CA ARG C 180 10.03 -9.51 8.06
C ARG C 180 10.57 -10.69 7.28
N ALA C 181 10.70 -10.49 5.97
CA ALA C 181 11.45 -11.38 5.10
C ALA C 181 12.41 -10.52 4.28
N GLN C 182 13.68 -10.91 4.25
CA GLN C 182 14.68 -10.13 3.54
C GLN C 182 15.69 -11.06 2.87
N ILE C 183 15.95 -10.80 1.59
CA ILE C 183 16.96 -11.52 0.81
C ILE C 183 17.84 -10.49 0.12
N ILE C 184 19.15 -10.60 0.31
CA ILE C 184 20.13 -9.73 -0.35
C ILE C 184 21.13 -10.61 -1.08
N ILE C 185 21.42 -10.28 -2.34
CA ILE C 185 22.30 -11.09 -3.18
C ILE C 185 23.37 -10.19 -3.81
N ASN C 186 24.64 -10.49 -3.56
CA ASN C 186 25.78 -9.67 -4.02
C ASN C 186 25.53 -8.17 -3.77
N GLY C 187 25.08 -7.87 -2.54
CA GLY C 187 24.86 -6.50 -2.12
C GLY C 187 23.56 -5.87 -2.58
N THR C 188 22.80 -6.55 -3.43
CA THR C 188 21.52 -6.05 -3.92
C THR C 188 20.37 -6.61 -3.08
N THR C 189 19.53 -5.72 -2.58
CA THR C 189 18.34 -6.13 -1.85
C THR C 189 17.30 -6.64 -2.85
N VAL C 190 17.04 -7.94 -2.81
CA VAL C 190 16.06 -8.57 -3.69
C VAL C 190 14.67 -8.44 -3.10
N LEU C 191 14.55 -8.70 -1.81
CA LEU C 191 13.28 -8.61 -1.09
C LEU C 191 13.55 -8.02 0.27
N ASP C 192 12.69 -7.10 0.70
CA ASP C 192 12.74 -6.58 2.05
C ASP C 192 11.31 -6.15 2.41
N THR C 193 10.55 -7.09 2.96
CA THR C 193 9.11 -6.87 3.10
C THR C 193 8.64 -7.20 4.51
N ALA C 194 7.71 -6.38 4.98
CA ALA C 194 6.88 -6.79 6.09
C ALA C 194 6.00 -7.96 5.66
N ILE C 195 5.64 -8.80 6.62
CA ILE C 195 4.96 -10.05 6.31
C ILE C 195 4.24 -10.53 7.56
N ARG C 196 3.24 -11.36 7.36
CA ARG C 196 2.54 -12.08 8.41
C ARG C 196 2.86 -13.56 8.20
N TRP C 197 3.86 -14.05 8.93
CA TRP C 197 4.21 -15.46 8.81
C TRP C 197 3.09 -16.34 9.36
N THR C 198 2.60 -16.01 10.55
CA THR C 198 1.67 -16.83 11.29
C THR C 198 0.60 -15.93 11.88
N THR C 199 -0.47 -16.55 12.37
CA THR C 199 -1.43 -15.84 13.21
C THR C 199 -1.68 -16.56 14.53
N ASN C 200 -1.16 -17.78 14.67
CA ASN C 200 -1.21 -18.53 15.92
C ASN C 200 0.13 -18.32 16.62
N ASP C 201 0.08 -17.62 17.76
CA ASP C 201 1.32 -17.23 18.42
C ASP C 201 2.09 -18.41 18.98
N ALA C 202 1.45 -19.57 19.15
CA ALA C 202 2.20 -20.77 19.54
C ALA C 202 3.07 -21.32 18.42
N GLN C 203 2.94 -20.81 17.19
CA GLN C 203 3.73 -21.27 16.06
C GLN C 203 4.61 -20.17 15.46
N ARG C 204 4.78 -19.04 16.16
CA ARG C 204 5.38 -17.87 15.53
C ARG C 204 6.90 -17.90 15.48
N LEU C 205 7.54 -18.89 16.10
CA LEU C 205 8.99 -18.86 16.25
C LEU C 205 9.69 -19.52 15.06
N ILE C 206 10.84 -18.97 14.71
CA ILE C 206 11.79 -19.59 13.80
C ILE C 206 12.33 -20.86 14.45
N LYS C 207 12.15 -21.99 13.78
CA LYS C 207 12.42 -23.29 14.38
C LYS C 207 13.55 -24.06 13.73
N ASN C 208 13.86 -23.80 12.45
CA ASN C 208 14.98 -24.51 11.83
C ASN C 208 15.49 -23.77 10.60
N MET C 209 16.64 -24.22 10.13
CA MET C 209 17.27 -23.73 8.92
C MET C 209 17.07 -24.79 7.84
N THR C 210 16.45 -24.39 6.73
CA THR C 210 16.25 -25.30 5.62
C THR C 210 17.48 -25.32 4.72
N PHE C 211 17.87 -26.51 4.29
CA PHE C 211 18.93 -26.67 3.28
C PHE C 211 18.34 -27.52 2.16
N HIS C 212 17.71 -26.86 1.19
CA HIS C 212 16.88 -27.52 0.18
C HIS C 212 17.49 -27.23 -1.19
N THR C 213 17.99 -28.28 -1.84
CA THR C 213 18.59 -28.19 -3.17
C THR C 213 17.93 -29.26 -4.02
N PHE C 214 17.15 -28.85 -5.02
CA PHE C 214 16.41 -29.81 -5.85
C PHE C 214 15.82 -29.11 -7.06
N ARG C 215 15.51 -29.92 -8.08
CA ARG C 215 14.86 -29.47 -9.30
C ARG C 215 13.35 -29.59 -9.17
N GLY C 216 12.64 -28.69 -9.83
CA GLY C 216 11.19 -28.64 -9.75
C GLY C 216 10.68 -27.76 -8.63
N GLY C 217 9.36 -27.54 -8.63
CA GLY C 217 8.48 -28.04 -9.68
C GLY C 217 8.04 -29.49 -9.52
N SER C 218 6.93 -29.84 -10.18
CA SER C 218 6.44 -31.21 -10.16
C SER C 218 6.19 -31.77 -11.55
N GLN C 219 6.32 -30.96 -12.60
CA GLN C 219 6.10 -31.38 -13.98
C GLN C 219 7.39 -31.93 -14.57
N THR C 220 7.26 -32.86 -15.52
CA THR C 220 8.44 -33.56 -16.03
C THR C 220 9.42 -32.62 -16.71
N TYR C 221 8.94 -31.50 -17.25
CA TYR C 221 9.86 -30.61 -17.93
C TYR C 221 10.78 -29.85 -16.98
N TRP C 222 10.57 -29.95 -15.65
CA TRP C 222 11.55 -29.43 -14.69
C TRP C 222 12.80 -30.30 -14.57
N GLN C 223 12.80 -31.49 -15.17
CA GLN C 223 13.89 -32.43 -15.01
C GLN C 223 15.05 -32.07 -15.93
N SER C 224 16.18 -32.72 -15.67
CA SER C 224 17.35 -32.67 -16.54
C SER C 224 17.83 -34.08 -16.81
N PRO C 225 18.29 -34.40 -18.02
CA PRO C 225 18.80 -35.74 -18.30
C PRO C 225 20.22 -36.00 -17.82
N VAL C 226 20.88 -35.02 -17.20
CA VAL C 226 22.24 -35.22 -16.71
C VAL C 226 22.29 -34.94 -15.22
N ASP C 227 23.22 -35.62 -14.53
CA ASP C 227 23.49 -35.27 -13.16
C ASP C 227 24.07 -33.86 -13.12
N SER C 228 23.70 -33.10 -12.10
CA SER C 228 23.99 -31.67 -12.07
C SER C 228 24.47 -31.28 -10.67
N TYR C 229 25.28 -30.21 -10.61
CA TYR C 229 26.02 -29.89 -9.40
C TYR C 229 25.91 -28.42 -9.04
N ILE C 230 25.69 -28.17 -7.75
CA ILE C 230 25.63 -26.84 -7.16
C ILE C 230 26.61 -26.82 -5.98
N TYR C 231 27.37 -25.72 -5.86
CA TYR C 231 28.46 -25.62 -4.91
C TYR C 231 28.14 -24.54 -3.87
N TYR C 232 28.31 -24.90 -2.59
CA TYR C 232 28.07 -24.00 -1.48
C TYR C 232 29.36 -23.79 -0.70
N ASP C 233 29.44 -22.66 -0.01
CA ASP C 233 30.59 -22.37 0.83
C ASP C 233 30.21 -21.30 1.85
N ASN C 234 31.02 -21.23 2.91
CA ASN C 234 31.02 -20.08 3.84
C ASN C 234 29.64 -19.81 4.44
N LEU C 235 28.99 -20.86 4.93
CA LEU C 235 27.74 -20.68 5.64
C LEU C 235 27.99 -20.05 7.01
N VAL C 236 27.26 -18.97 7.30
CA VAL C 236 27.31 -18.32 8.60
C VAL C 236 25.88 -18.10 9.06
N LEU C 237 25.49 -18.79 10.14
CA LEU C 237 24.17 -18.67 10.73
C LEU C 237 24.29 -17.92 12.05
N ARG C 238 23.33 -17.04 12.34
CA ARG C 238 23.39 -16.29 13.58
C ARG C 238 22.00 -15.98 14.09
N LYS C 239 21.64 -16.59 15.23
CA LYS C 239 20.46 -16.16 15.96
C LYS C 239 20.65 -14.73 16.43
N ILE C 240 19.64 -13.89 16.20
CA ILE C 240 19.67 -12.51 16.67
C ILE C 240 18.88 -12.33 17.96
N ARG C 241 17.62 -12.74 17.99
CA ARG C 241 16.74 -12.37 19.09
C ARG C 241 15.75 -13.49 19.37
N LEU C 242 15.23 -13.50 20.60
CA LEU C 242 14.11 -14.34 21.00
C LEU C 242 13.25 -13.50 21.93
N GLU C 243 12.19 -12.93 21.38
CA GLU C 243 11.37 -11.93 22.06
C GLU C 243 9.95 -12.49 22.17
N HIS C 244 9.70 -13.28 23.20
CA HIS C 244 8.40 -13.90 23.39
C HIS C 244 7.67 -13.31 24.59
#